data_4IFQ
#
_entry.id   4IFQ
#
_cell.length_a   134.600
_cell.length_b   134.600
_cell.length_c   234.794
_cell.angle_alpha   90.000
_cell.angle_beta   90.000
_cell.angle_gamma   90.000
#
_symmetry.space_group_name_H-M   'P 43 21 2'
#
loop_
_entity.id
_entity.type
_entity.pdbx_description
1 polymer 'Nucleoporin NUP192'
2 non-polymer 'SULFATE ION'
3 non-polymer 'IODIDE ION'
4 water water
#
_entity_poly.entity_id   1
_entity_poly.type   'polypeptide(L)'
_entity_poly.pdbx_seq_one_letter_code
;(MSE)SLKWSAIPFQTLYRSIESGEFDFDLFKEVLPDLQNLNLNTDKLKNNASRSQLEKGEIELSDGSTFKVNQEFIFEA
ISLSDELNLDEIVACELILSGDTTANNGKVQYFLRRQYILQIVSFIVNCFHEDTELYQELIKNGALVSNILSAFKFIHTQ
LSEIKQQINKAQILENYNALFQQNIKFRRDFLLREYDILSQILYGLVDKGAI(MSE)KNKDFILSLLHHVSELDSNDFFI
IYYTPAFFHLFASLRVLPDADVKLLHSQF(MSE)KDLKDDSIYTKPVKVALIFIFFAYFIGWCKEDPKRRADT(MSE)DF
KTDVDEP(MSE)TSAVELGAIEQILIFAADTSIVEQDKS(MSE)ELFYDIRSLLERHIPRLIPKQLLDDEKIFSQTTNST
YNPASATDN(MSE)SGRGLWNPSYPG(MSE)(MSE)STTGTARLNS(MSE)PNNVNEYSYTTIVLSDQTQEFFLSSFDDV
LQTIITDCAFLLTKIKDAEEDSLLSGEDLTLDDISLKADLERFFLSIYFFYASRPEYSCTFWSDKESNAYGFIEWCSRCN
DNL(MSE)RSCFYL(MSE)VSSLSFGPENALNVYHYFGENSSISWKNIAQCLSDYTKKISNFNSSLHKRQQFSESTHNDI
DSTAVALEEGLNEEAVIFLSSLLTLVGSVTYQVDEDVKSSLSKVFSDVLFEFTKINTPLVGAAFKVISNLVPKLESSRTK
FWSFLDSLIFKDSSLNYSSESYRNAFTNVLTKYSDVLGFLQLFHNLISIHSRENNSEY(MSE)VFGKLAFPTRLGQGYRK
VGIWPYFDYIFNDILAHVDQIVDIRNKRAVQLPILKIIYTGLCSFDYSVILNSIPAAANLDALVDCENFFNYVQECPAIP
IFNYIFTEKIYKSIFNVVDVGVDQLSIELEGGKNQAELLQLAVKIINKVLDYQETYVEELFPIVKKHGKTDYFLPKNYSL
HGLRSFYDAIFFNIPLVAHLGLYVGVDDQILATNSLRILAKLSERSNGSVASLSEGHHHHHH
;
_entity_poly.pdbx_strand_id   A
#
# COMPACT_ATOMS: atom_id res chain seq x y z
N SER A 2 -29.41 36.60 -1.27
CA SER A 2 -29.45 35.12 -1.08
C SER A 2 -28.87 34.33 -2.27
N LEU A 3 -28.59 33.06 -2.00
CA LEU A 3 -27.77 32.23 -2.88
C LEU A 3 -28.73 31.35 -3.67
N LYS A 4 -28.44 31.07 -4.93
CA LYS A 4 -29.26 30.14 -5.71
C LYS A 4 -29.02 28.71 -5.16
N TRP A 5 -30.04 28.14 -4.50
CA TRP A 5 -29.91 26.82 -3.82
C TRP A 5 -30.28 25.60 -4.69
N SER A 6 -30.01 25.68 -6.00
CA SER A 6 -30.00 24.48 -6.84
C SER A 6 -28.56 23.96 -6.97
N ALA A 7 -28.37 22.85 -7.65
CA ALA A 7 -27.02 22.47 -8.08
C ALA A 7 -26.91 22.41 -9.60
N ILE A 8 -27.94 22.79 -10.34
CA ILE A 8 -27.89 22.78 -11.81
C ILE A 8 -27.22 24.02 -12.45
N PRO A 9 -27.39 25.22 -11.86
CA PRO A 9 -26.62 26.34 -12.41
C PRO A 9 -25.12 26.08 -12.25
N PHE A 10 -24.72 25.56 -11.09
CA PHE A 10 -23.33 25.21 -10.78
C PHE A 10 -22.79 23.99 -11.54
N GLN A 11 -23.64 23.02 -11.87
CA GLN A 11 -23.21 21.93 -12.75
C GLN A 11 -22.90 22.46 -14.15
N THR A 12 -23.83 23.22 -14.70
CA THR A 12 -23.69 23.67 -16.09
C THR A 12 -22.57 24.72 -16.19
N LEU A 13 -22.46 25.63 -15.21
CA LEU A 13 -21.32 26.55 -15.21
C LEU A 13 -20.00 25.80 -15.28
N TYR A 14 -19.80 24.88 -14.36
CA TYR A 14 -18.61 24.04 -14.37
C TYR A 14 -18.39 23.38 -15.73
N ARG A 15 -19.42 22.81 -16.34
CA ARG A 15 -19.26 22.13 -17.66
C ARG A 15 -18.84 23.09 -18.75
N SER A 16 -19.28 24.33 -18.64
CA SER A 16 -18.86 25.35 -19.58
C SER A 16 -17.34 25.37 -19.55
N ILE A 17 -16.78 25.67 -18.37
CA ILE A 17 -15.32 25.78 -18.08
C ILE A 17 -14.48 24.52 -18.43
N GLU A 18 -15.04 23.33 -18.20
CA GLU A 18 -14.43 22.09 -18.71
C GLU A 18 -13.88 22.31 -20.12
N SER A 19 -14.70 22.90 -21.00
CA SER A 19 -14.31 23.20 -22.39
C SER A 19 -14.22 24.73 -22.72
N GLY A 20 -13.63 25.52 -21.81
CA GLY A 20 -13.43 26.97 -22.00
C GLY A 20 -14.59 27.84 -22.51
N GLU A 21 -15.82 27.50 -22.10
CA GLU A 21 -17.02 28.22 -22.51
C GLU A 21 -17.52 29.23 -21.44
N PHE A 22 -16.66 29.64 -20.51
CA PHE A 22 -17.07 30.48 -19.37
C PHE A 22 -17.92 31.67 -19.87
N ASP A 23 -19.22 31.62 -19.57
CA ASP A 23 -20.15 32.78 -19.71
C ASP A 23 -20.07 33.75 -18.50
N PHE A 24 -19.43 34.89 -18.70
CA PHE A 24 -19.28 35.90 -17.63
C PHE A 24 -20.66 36.14 -17.01
N ASP A 25 -21.71 35.83 -17.79
CA ASP A 25 -23.13 35.96 -17.39
C ASP A 25 -23.47 35.18 -16.12
N LEU A 26 -23.41 33.86 -16.24
CA LEU A 26 -23.74 32.99 -15.12
C LEU A 26 -22.71 33.16 -13.99
N PHE A 27 -21.43 33.13 -14.35
CA PHE A 27 -20.37 33.36 -13.39
C PHE A 27 -20.63 34.61 -12.55
N LYS A 28 -20.92 35.73 -13.19
CA LYS A 28 -21.12 36.98 -12.46
C LYS A 28 -22.42 36.90 -11.64
N GLU A 29 -23.36 36.11 -12.14
CA GLU A 29 -24.63 35.84 -11.43
C GLU A 29 -24.42 35.13 -10.07
N VAL A 30 -23.89 33.91 -10.12
CA VAL A 30 -23.58 33.12 -8.90
C VAL A 30 -22.27 33.47 -8.19
N LEU A 31 -21.60 34.53 -8.60
CA LEU A 31 -20.33 34.90 -7.98
C LEU A 31 -20.34 34.77 -6.45
N PRO A 32 -21.24 35.51 -5.74
CA PRO A 32 -21.16 35.47 -4.27
C PRO A 32 -21.46 34.09 -3.65
N ASP A 33 -22.08 33.19 -4.39
CA ASP A 33 -22.25 31.79 -3.92
C ASP A 33 -20.93 31.07 -3.89
N LEU A 34 -20.11 31.31 -4.91
CA LEU A 34 -18.76 30.75 -4.99
C LEU A 34 -17.86 31.32 -3.90
N GLN A 35 -17.94 32.62 -3.67
CA GLN A 35 -17.13 33.24 -2.64
C GLN A 35 -17.48 32.67 -1.27
N ASN A 36 -18.70 32.12 -1.15
CA ASN A 36 -19.21 31.53 0.11
C ASN A 36 -18.84 30.04 0.31
N LEU A 37 -18.37 29.43 -0.78
CA LEU A 37 -17.90 28.04 -0.76
C LEU A 37 -18.99 27.19 -0.12
N ASN A 38 -18.62 26.28 0.77
CA ASN A 38 -19.56 25.33 1.30
C ASN A 38 -20.45 25.90 2.41
N LEU A 39 -20.04 27.01 3.00
CA LEU A 39 -20.83 27.61 4.09
C LEU A 39 -22.32 27.81 3.76
N ASN A 40 -23.18 27.50 4.74
CA ASN A 40 -24.58 27.99 4.79
C ASN A 40 -24.75 28.67 6.14
N THR A 41 -24.05 29.80 6.25
CA THR A 41 -23.60 30.42 7.51
C THR A 41 -24.67 31.24 8.27
N ASP A 42 -25.78 31.54 7.59
CA ASP A 42 -26.91 32.30 8.16
C ASP A 42 -28.14 31.43 8.22
N LYS A 43 -28.56 30.95 7.06
CA LYS A 43 -29.73 30.07 6.93
C LYS A 43 -29.44 28.62 7.38
N LEU A 44 -29.25 28.47 8.70
CA LEU A 44 -29.31 27.17 9.38
C LEU A 44 -30.74 26.97 9.94
N LYS A 45 -30.95 25.91 10.72
CA LYS A 45 -32.29 25.47 11.15
C LYS A 45 -33.10 26.52 11.93
N ASN A 46 -34.13 27.03 11.26
CA ASN A 46 -35.05 28.03 11.83
C ASN A 46 -36.34 27.35 12.34
N ASN A 47 -37.06 28.05 13.23
CA ASN A 47 -38.44 27.64 13.66
C ASN A 47 -39.50 28.66 13.20
N ALA A 48 -39.05 29.86 12.85
CA ALA A 48 -39.82 30.83 12.05
C ALA A 48 -40.00 30.34 10.60
N SER A 49 -39.29 29.28 10.22
CA SER A 49 -39.44 28.65 8.91
C SER A 49 -40.13 27.29 8.99
N ARG A 50 -40.35 26.78 10.21
CA ARG A 50 -41.07 25.51 10.42
C ARG A 50 -42.58 25.73 10.43
N SER A 51 -43.01 26.88 10.98
CA SER A 51 -44.42 27.26 10.95
C SER A 51 -44.83 27.63 9.52
N GLN A 52 -43.98 28.42 8.86
CA GLN A 52 -44.08 28.73 7.41
C GLN A 52 -44.30 27.51 6.53
N LEU A 53 -43.53 26.45 6.83
CA LEU A 53 -43.57 25.16 6.11
C LEU A 53 -44.77 24.30 6.53
N GLU A 54 -45.09 24.30 7.83
CA GLU A 54 -46.11 23.38 8.36
C GLU A 54 -47.54 23.81 8.16
N LYS A 55 -47.75 24.93 7.46
CA LYS A 55 -49.04 25.25 6.85
C LYS A 55 -49.23 24.44 5.56
N GLY A 56 -48.19 24.36 4.74
CA GLY A 56 -48.25 23.63 3.47
C GLY A 56 -48.06 24.56 2.28
N GLU A 57 -47.95 25.85 2.57
CA GLU A 57 -47.63 26.85 1.56
C GLU A 57 -46.30 27.53 1.97
N ILE A 58 -45.33 27.51 1.04
CA ILE A 58 -43.95 28.04 1.26
C ILE A 58 -43.45 29.03 0.18
N GLU A 59 -42.65 30.02 0.60
CA GLU A 59 -42.12 31.06 -0.32
C GLU A 59 -40.58 31.10 -0.46
N LEU A 60 -40.13 31.08 -1.72
CA LEU A 60 -38.72 31.22 -2.05
C LEU A 60 -38.31 32.71 -2.12
N SER A 61 -37.01 32.96 -2.02
CA SER A 61 -36.46 34.32 -2.14
C SER A 61 -36.46 34.78 -3.59
N ASP A 62 -36.19 33.85 -4.53
CA ASP A 62 -36.30 34.14 -5.98
C ASP A 62 -37.76 34.02 -6.51
N GLY A 63 -38.66 34.79 -5.89
CA GLY A 63 -40.05 34.99 -6.37
C GLY A 63 -41.18 34.07 -5.90
N SER A 64 -41.55 33.12 -6.78
CA SER A 64 -42.81 32.33 -6.71
C SER A 64 -42.94 31.45 -5.45
N THR A 65 -44.16 30.93 -5.23
CA THR A 65 -44.50 30.08 -4.06
C THR A 65 -45.23 28.78 -4.47
N PHE A 66 -45.39 27.86 -3.51
CA PHE A 66 -45.84 26.47 -3.80
C PHE A 66 -46.72 25.84 -2.69
N LYS A 67 -47.68 25.03 -3.12
CA LYS A 67 -48.43 24.13 -2.22
C LYS A 67 -47.59 22.89 -1.92
N VAL A 68 -47.48 22.56 -0.64
CA VAL A 68 -46.60 21.48 -0.16
C VAL A 68 -47.38 20.44 0.68
N ASN A 69 -47.56 19.26 0.10
CA ASN A 69 -48.26 18.16 0.76
C ASN A 69 -47.42 17.61 1.93
N GLN A 70 -47.88 16.52 2.55
CA GLN A 70 -47.27 15.99 3.79
C GLN A 70 -46.06 15.04 3.58
N GLU A 71 -46.00 14.32 2.47
CA GLU A 71 -44.79 13.52 2.14
C GLU A 71 -43.52 14.43 1.96
N PHE A 72 -43.74 15.59 1.37
CA PHE A 72 -42.71 16.61 1.07
C PHE A 72 -42.25 17.29 2.36
N ILE A 73 -43.21 17.67 3.19
CA ILE A 73 -42.94 18.24 4.53
C ILE A 73 -42.03 17.31 5.33
N PHE A 74 -42.18 15.99 5.20
CA PHE A 74 -41.32 15.08 5.97
C PHE A 74 -39.92 14.88 5.37
N GLU A 75 -39.79 14.85 4.04
CA GLU A 75 -38.44 14.88 3.43
C GLU A 75 -37.70 16.17 3.87
N ALA A 76 -38.43 17.28 3.96
CA ALA A 76 -37.89 18.61 4.30
C ALA A 76 -37.48 18.84 5.78
N ILE A 77 -38.21 18.25 6.73
CA ILE A 77 -37.80 18.33 8.13
C ILE A 77 -36.75 17.26 8.46
N SER A 78 -36.72 16.16 7.70
CA SER A 78 -35.58 15.20 7.76
C SER A 78 -34.28 15.87 7.32
N LEU A 79 -34.35 16.79 6.36
CA LEU A 79 -33.20 17.62 5.99
C LEU A 79 -32.77 18.56 7.11
N SER A 80 -33.61 19.51 7.50
CA SER A 80 -33.25 20.43 8.60
C SER A 80 -32.76 19.78 9.92
N ASP A 81 -33.29 18.61 10.27
CA ASP A 81 -32.92 17.90 11.53
C ASP A 81 -31.64 17.11 11.35
N GLU A 82 -31.46 16.56 10.14
CA GLU A 82 -30.25 15.82 9.70
C GLU A 82 -29.05 16.75 9.49
N LEU A 83 -29.28 18.00 9.08
CA LEU A 83 -28.22 18.95 8.61
C LEU A 83 -28.33 20.36 9.17
N ASN A 84 -28.88 20.54 10.36
CA ASN A 84 -29.01 21.87 10.96
C ASN A 84 -29.21 22.94 9.88
N LEU A 85 -30.15 22.71 8.97
CA LEU A 85 -30.34 23.58 7.82
C LEU A 85 -31.73 24.26 7.86
N ASP A 86 -31.80 25.49 7.35
CA ASP A 86 -33.05 26.24 7.20
C ASP A 86 -34.10 25.50 6.35
N GLU A 87 -35.35 25.53 6.79
CA GLU A 87 -36.40 24.65 6.23
C GLU A 87 -36.87 24.97 4.80
N ILE A 88 -36.90 26.24 4.42
CA ILE A 88 -37.32 26.66 3.06
C ILE A 88 -36.17 26.52 2.07
N VAL A 89 -34.95 26.74 2.53
CA VAL A 89 -33.75 26.42 1.76
C VAL A 89 -33.79 24.93 1.38
N ALA A 90 -33.95 24.09 2.40
CA ALA A 90 -34.13 22.64 2.26
C ALA A 90 -35.23 22.26 1.26
N CYS A 91 -36.16 23.19 1.02
CA CYS A 91 -37.27 22.97 0.07
C CYS A 91 -36.90 23.32 -1.34
N GLU A 92 -36.26 24.49 -1.52
CA GLU A 92 -35.69 24.88 -2.84
C GLU A 92 -34.77 23.76 -3.34
N LEU A 93 -34.06 23.12 -2.41
CA LEU A 93 -33.16 22.02 -2.72
C LEU A 93 -33.87 20.74 -3.15
N ILE A 94 -35.10 20.49 -2.69
CA ILE A 94 -35.84 19.27 -3.11
C ILE A 94 -36.59 19.53 -4.42
N LEU A 95 -37.03 20.78 -4.58
CA LEU A 95 -37.64 21.23 -5.81
C LEU A 95 -36.64 21.11 -6.96
N SER A 96 -35.48 21.72 -6.80
CA SER A 96 -34.47 21.75 -7.85
C SER A 96 -34.09 20.35 -8.38
N GLY A 97 -33.96 19.36 -7.50
CA GLY A 97 -33.53 18.02 -7.92
C GLY A 97 -34.67 17.02 -7.89
N ASP A 98 -34.86 16.28 -9.00
CA ASP A 98 -36.01 15.37 -9.19
C ASP A 98 -36.43 14.72 -7.88
N THR A 99 -37.70 14.88 -7.53
CA THR A 99 -38.16 14.42 -6.23
C THR A 99 -38.14 12.88 -6.29
N THR A 100 -37.20 12.28 -5.55
CA THR A 100 -37.19 10.83 -5.21
C THR A 100 -36.86 10.68 -3.71
N ALA A 101 -36.72 9.44 -3.24
CA ALA A 101 -36.36 9.15 -1.85
C ALA A 101 -34.99 9.74 -1.51
N ASN A 102 -34.98 10.84 -0.76
CA ASN A 102 -33.77 11.64 -0.42
C ASN A 102 -32.97 12.10 -1.62
N ASN A 103 -33.51 13.06 -2.35
CA ASN A 103 -32.75 13.70 -3.41
C ASN A 103 -32.55 15.17 -3.13
N GLY A 104 -33.04 15.62 -1.98
CA GLY A 104 -32.71 16.93 -1.49
C GLY A 104 -31.35 16.92 -0.85
N LYS A 105 -31.02 15.82 -0.17
CA LYS A 105 -29.69 15.61 0.47
C LYS A 105 -28.62 15.55 -0.64
N VAL A 106 -28.96 15.02 -1.81
CA VAL A 106 -28.01 15.00 -2.92
C VAL A 106 -27.71 16.43 -3.43
N GLN A 107 -28.74 17.14 -3.87
CA GLN A 107 -28.57 18.54 -4.28
C GLN A 107 -27.82 19.44 -3.30
N TYR A 108 -27.99 19.21 -1.99
CA TYR A 108 -27.25 19.99 -0.99
C TYR A 108 -25.76 19.74 -1.24
N PHE A 109 -25.38 18.47 -1.23
CA PHE A 109 -23.97 18.07 -1.38
C PHE A 109 -23.37 18.33 -2.75
N LEU A 110 -24.14 18.09 -3.80
CA LEU A 110 -23.70 18.37 -5.19
C LEU A 110 -23.51 19.85 -5.42
N ARG A 111 -24.47 20.65 -5.01
CA ARG A 111 -24.28 22.08 -5.04
C ARG A 111 -22.92 22.47 -4.47
N ARG A 112 -22.61 22.04 -3.25
CA ARG A 112 -21.33 22.44 -2.56
C ARG A 112 -20.14 21.90 -3.34
N GLN A 113 -20.23 20.65 -3.73
CA GLN A 113 -19.14 20.00 -4.45
C GLN A 113 -18.80 20.74 -5.73
N TYR A 114 -19.80 21.26 -6.41
CA TYR A 114 -19.54 21.94 -7.67
C TYR A 114 -18.87 23.25 -7.41
N ILE A 115 -19.56 24.09 -6.65
CA ILE A 115 -18.93 25.30 -6.14
C ILE A 115 -17.45 25.10 -5.86
N LEU A 116 -17.11 24.23 -4.90
CA LEU A 116 -15.70 24.03 -4.54
C LEU A 116 -14.81 23.74 -5.75
N GLN A 117 -15.25 22.83 -6.60
CA GLN A 117 -14.47 22.38 -7.75
C GLN A 117 -14.19 23.47 -8.79
N ILE A 118 -15.19 24.32 -8.98
CA ILE A 118 -15.09 25.50 -9.81
C ILE A 118 -14.04 26.41 -9.23
N VAL A 119 -14.25 26.85 -7.99
CA VAL A 119 -13.30 27.75 -7.34
C VAL A 119 -11.92 27.17 -7.55
N SER A 120 -11.74 25.90 -7.17
CA SER A 120 -10.49 25.16 -7.39
C SER A 120 -9.98 25.17 -8.81
N PHE A 121 -10.86 25.02 -9.79
CA PHE A 121 -10.42 25.11 -11.20
C PHE A 121 -9.86 26.47 -11.53
N ILE A 122 -10.57 27.49 -11.12
CA ILE A 122 -10.19 28.84 -11.41
C ILE A 122 -8.90 29.25 -10.73
N VAL A 123 -8.87 29.15 -9.41
CA VAL A 123 -7.69 29.49 -8.61
C VAL A 123 -6.45 28.58 -8.88
N ASN A 124 -6.58 27.59 -9.76
CA ASN A 124 -5.48 26.66 -10.05
C ASN A 124 -5.19 26.42 -11.48
N CYS A 125 -6.09 26.75 -12.40
CA CYS A 125 -5.82 26.58 -13.84
C CYS A 125 -5.79 27.86 -14.65
N PHE A 126 -6.50 28.87 -14.20
CA PHE A 126 -6.41 30.16 -14.83
C PHE A 126 -5.25 30.96 -14.30
N HIS A 127 -4.68 31.81 -15.16
CA HIS A 127 -3.61 32.72 -14.74
C HIS A 127 -4.02 33.81 -13.73
N GLU A 128 -3.04 34.45 -13.12
CA GLU A 128 -3.26 35.38 -12.01
C GLU A 128 -3.75 36.71 -12.52
N ASP A 129 -3.26 37.05 -13.70
CA ASP A 129 -3.70 38.24 -14.43
C ASP A 129 -5.10 38.08 -15.03
N THR A 130 -5.52 36.82 -15.20
CA THR A 130 -6.87 36.46 -15.68
C THR A 130 -8.00 37.31 -15.09
N GLU A 131 -9.02 37.52 -15.92
CA GLU A 131 -10.12 38.41 -15.61
C GLU A 131 -10.98 37.91 -14.45
N LEU A 132 -11.47 36.68 -14.56
CA LEU A 132 -12.27 36.14 -13.44
C LEU A 132 -11.43 35.73 -12.24
N TYR A 133 -10.27 35.09 -12.43
CA TYR A 133 -9.49 34.81 -11.24
C TYR A 133 -9.54 36.09 -10.40
N GLN A 134 -9.39 37.23 -11.09
CA GLN A 134 -9.36 38.54 -10.42
C GLN A 134 -10.68 38.98 -9.79
N GLU A 135 -11.79 38.61 -10.45
CA GLU A 135 -13.16 38.85 -9.95
C GLU A 135 -13.46 38.03 -8.71
N LEU A 136 -13.08 36.76 -8.81
CA LEU A 136 -13.33 35.79 -7.78
C LEU A 136 -12.64 36.17 -6.46
N ILE A 137 -11.41 36.59 -6.62
CA ILE A 137 -10.60 36.88 -5.46
C ILE A 137 -11.04 38.20 -4.83
N LYS A 138 -11.50 39.11 -5.69
CA LYS A 138 -11.38 40.58 -5.47
C LYS A 138 -12.03 41.24 -4.27
N ASN A 139 -13.28 40.96 -3.97
CA ASN A 139 -13.86 41.28 -2.61
C ASN A 139 -12.93 40.90 -1.49
N GLY A 140 -12.19 39.80 -1.68
CA GLY A 140 -11.39 39.15 -0.64
C GLY A 140 -12.29 38.36 0.29
N ALA A 141 -13.47 38.00 -0.20
CA ALA A 141 -14.50 37.35 0.61
C ALA A 141 -14.21 35.89 0.64
N LEU A 142 -13.73 35.41 -0.51
CA LEU A 142 -13.15 34.07 -0.62
C LEU A 142 -12.06 33.78 0.43
N VAL A 143 -11.02 34.59 0.42
CA VAL A 143 -9.94 34.41 1.39
C VAL A 143 -10.44 34.40 2.84
N SER A 144 -11.45 35.20 3.18
CA SER A 144 -11.88 35.28 4.57
C SER A 144 -12.75 34.09 4.96
N ASN A 145 -13.27 33.36 3.97
CA ASN A 145 -14.05 32.13 4.24
C ASN A 145 -13.32 30.78 4.18
N ILE A 146 -12.23 30.70 3.43
CA ILE A 146 -11.50 29.45 3.28
C ILE A 146 -11.32 28.72 4.63
N LEU A 147 -10.86 29.41 5.67
CA LEU A 147 -10.61 28.72 6.93
C LEU A 147 -11.91 28.35 7.61
N SER A 148 -12.90 29.22 7.51
CA SER A 148 -14.21 28.85 8.02
C SER A 148 -14.74 27.60 7.36
N ALA A 149 -14.51 27.46 6.06
CA ALA A 149 -15.04 26.32 5.29
C ALA A 149 -14.42 24.97 5.66
N PHE A 150 -13.21 25.01 6.21
CA PHE A 150 -12.58 23.83 6.76
C PHE A 150 -13.26 23.52 8.10
N LYS A 151 -13.44 24.57 8.91
CA LYS A 151 -14.04 24.43 10.27
C LYS A 151 -15.49 23.96 10.23
N PHE A 152 -16.17 24.32 9.15
CA PHE A 152 -17.53 23.90 8.95
C PHE A 152 -17.58 22.40 8.75
N ILE A 153 -16.72 21.89 7.86
CA ILE A 153 -16.60 20.44 7.72
C ILE A 153 -16.32 19.79 9.09
N HIS A 154 -15.54 20.43 9.95
CA HIS A 154 -15.24 19.83 11.23
C HIS A 154 -16.50 19.72 12.02
N THR A 155 -17.23 20.84 12.12
CA THR A 155 -18.44 20.88 12.98
C THR A 155 -19.48 19.87 12.50
N GLN A 156 -19.69 19.81 11.20
CA GLN A 156 -20.60 18.81 10.63
C GLN A 156 -20.23 17.34 10.91
N LEU A 157 -18.94 17.06 11.03
CA LEU A 157 -18.48 15.68 11.23
C LEU A 157 -18.71 15.26 12.67
N SER A 158 -18.84 16.26 13.55
CA SER A 158 -19.28 16.08 14.94
C SER A 158 -20.79 16.02 15.07
N GLU A 159 -21.48 16.91 14.33
CA GLU A 159 -22.94 16.84 14.20
C GLU A 159 -23.24 15.36 13.90
N ILE A 160 -22.60 14.83 12.90
CA ILE A 160 -22.70 13.42 12.55
C ILE A 160 -22.42 12.46 13.71
N LYS A 161 -21.48 12.78 14.57
CA LYS A 161 -21.16 11.83 15.63
C LYS A 161 -22.14 11.89 16.76
N GLN A 162 -22.79 13.06 16.91
CA GLN A 162 -23.86 13.23 17.90
C GLN A 162 -25.01 12.37 17.45
N GLN A 163 -25.48 12.64 16.25
CA GLN A 163 -26.43 11.78 15.56
C GLN A 163 -26.13 10.29 15.64
N ILE A 164 -24.87 9.90 15.56
CA ILE A 164 -24.50 8.48 15.63
C ILE A 164 -24.83 7.96 17.01
N ASN A 165 -24.40 8.72 17.99
CA ASN A 165 -24.51 8.37 19.39
C ASN A 165 -25.97 8.32 19.87
N LYS A 166 -26.75 9.31 19.45
CA LYS A 166 -28.23 9.26 19.55
C LYS A 166 -28.77 7.94 19.01
N ALA A 167 -28.33 7.53 17.82
CA ALA A 167 -28.77 6.26 17.24
C ALA A 167 -28.35 4.97 17.96
N GLN A 168 -27.31 5.00 18.78
CA GLN A 168 -26.85 3.79 19.41
C GLN A 168 -27.59 3.60 20.73
N ILE A 169 -27.83 4.69 21.44
CA ILE A 169 -28.61 4.59 22.67
C ILE A 169 -30.01 4.06 22.36
N LEU A 170 -30.64 4.51 21.29
CA LEU A 170 -31.91 3.88 20.81
C LEU A 170 -31.75 2.47 20.29
N GLU A 171 -30.49 2.03 20.14
CA GLU A 171 -30.10 0.82 19.37
C GLU A 171 -30.77 0.80 18.01
N ASN A 172 -30.99 1.96 17.43
CA ASN A 172 -31.48 2.06 16.08
C ASN A 172 -30.26 2.37 15.17
N TYR A 173 -29.09 1.80 15.49
CA TYR A 173 -27.86 2.09 14.73
C TYR A 173 -27.68 1.04 13.64
N ASN A 174 -28.73 0.89 12.82
CA ASN A 174 -28.85 -0.18 11.83
C ASN A 174 -27.92 -0.02 10.64
N ALA A 175 -27.97 -0.97 9.72
CA ALA A 175 -27.28 -0.92 8.42
C ALA A 175 -27.55 0.38 7.62
N LEU A 176 -28.81 0.71 7.42
CA LEU A 176 -29.22 1.86 6.60
C LEU A 176 -29.05 3.20 7.32
N PHE A 177 -28.64 3.21 8.57
CA PHE A 177 -28.23 4.48 9.16
C PHE A 177 -26.76 4.70 8.86
N GLN A 178 -25.99 3.67 9.17
CA GLN A 178 -24.58 3.60 8.85
C GLN A 178 -24.33 3.97 7.40
N GLN A 179 -25.29 3.65 6.53
CA GLN A 179 -25.16 3.91 5.09
C GLN A 179 -25.42 5.39 4.76
N ASN A 180 -26.47 6.00 5.28
CA ASN A 180 -26.72 7.45 5.03
C ASN A 180 -25.76 8.37 5.75
N ILE A 181 -24.79 7.77 6.45
CA ILE A 181 -23.64 8.44 7.08
C ILE A 181 -22.36 8.28 6.24
N LYS A 182 -21.95 7.06 5.89
CA LYS A 182 -20.85 6.85 4.89
C LYS A 182 -21.09 7.77 3.70
N PHE A 183 -22.33 7.88 3.28
CA PHE A 183 -22.73 8.81 2.19
C PHE A 183 -22.30 10.28 2.43
N ARG A 184 -22.51 10.80 3.64
CA ARG A 184 -22.17 12.18 4.01
C ARG A 184 -20.74 12.38 4.42
N ARG A 185 -20.23 11.44 5.22
CA ARG A 185 -18.81 11.42 5.54
C ARG A 185 -17.96 11.39 4.26
N ASP A 186 -18.47 10.77 3.19
CA ASP A 186 -17.79 10.77 1.90
C ASP A 186 -17.82 12.16 1.29
N PHE A 187 -19.00 12.67 1.03
CA PHE A 187 -19.14 14.01 0.47
C PHE A 187 -18.31 15.08 1.14
N LEU A 188 -18.00 14.86 2.42
CA LEU A 188 -17.30 15.85 3.21
C LEU A 188 -15.82 15.67 3.06
N LEU A 189 -15.37 14.42 3.03
CA LEU A 189 -13.97 14.15 2.82
C LEU A 189 -13.57 14.69 1.45
N ARG A 190 -14.38 14.44 0.42
CA ARG A 190 -14.17 15.09 -0.88
C ARG A 190 -14.12 16.61 -0.76
N GLU A 191 -15.01 17.21 -0.01
CA GLU A 191 -14.95 18.66 0.16
C GLU A 191 -13.67 19.16 0.80
N TYR A 192 -13.13 18.39 1.73
CA TYR A 192 -11.88 18.72 2.43
C TYR A 192 -10.74 18.65 1.43
N ASP A 193 -10.81 17.66 0.56
CA ASP A 193 -9.78 17.38 -0.41
C ASP A 193 -9.75 18.43 -1.52
N ILE A 194 -10.94 18.95 -1.90
CA ILE A 194 -11.06 20.04 -2.89
C ILE A 194 -10.73 21.35 -2.21
N LEU A 195 -10.96 21.43 -0.92
CA LEU A 195 -10.55 22.62 -0.17
C LEU A 195 -9.06 22.63 0.05
N SER A 196 -8.39 21.49 -0.11
CA SER A 196 -6.93 21.48 -0.06
C SER A 196 -6.38 22.19 -1.27
N GLN A 197 -6.94 21.87 -2.42
CA GLN A 197 -6.58 22.42 -3.74
C GLN A 197 -6.72 23.92 -3.80
N ILE A 198 -7.75 24.41 -3.14
CA ILE A 198 -8.07 25.81 -3.28
C ILE A 198 -7.07 26.58 -2.47
N LEU A 199 -6.77 26.07 -1.29
CA LEU A 199 -5.80 26.70 -0.40
C LEU A 199 -4.40 26.78 -1.05
N TYR A 200 -3.92 25.65 -1.57
CA TYR A 200 -2.69 25.58 -2.37
C TYR A 200 -2.72 26.59 -3.50
N GLY A 201 -3.75 26.52 -4.34
CA GLY A 201 -3.94 27.46 -5.44
C GLY A 201 -3.78 28.90 -5.00
N LEU A 202 -4.33 29.26 -3.84
CA LEU A 202 -4.27 30.64 -3.35
C LEU A 202 -2.87 31.01 -2.88
N VAL A 203 -1.98 30.03 -2.74
CA VAL A 203 -0.60 30.31 -2.37
C VAL A 203 0.21 30.59 -3.62
N ASP A 204 -0.07 29.79 -4.62
CA ASP A 204 0.61 29.81 -5.89
C ASP A 204 0.20 31.03 -6.65
N LYS A 205 -1.03 31.48 -6.41
CA LYS A 205 -1.53 32.72 -7.00
C LYS A 205 -1.05 33.89 -6.17
N GLY A 206 -0.56 33.63 -4.99
CA GLY A 206 -0.02 34.71 -4.16
C GLY A 206 -0.99 35.46 -3.25
N ALA A 207 -2.27 35.29 -3.52
CA ALA A 207 -3.32 35.91 -2.70
C ALA A 207 -3.20 35.84 -1.16
N ILE A 208 -2.64 34.79 -0.59
CA ILE A 208 -2.60 34.77 0.88
C ILE A 208 -1.22 35.18 1.47
N LYS A 210 0.35 38.32 0.85
CA LYS A 210 0.55 39.74 0.88
C LYS A 210 1.37 40.08 2.13
N ASN A 211 1.10 39.39 3.22
CA ASN A 211 1.89 39.55 4.41
C ASN A 211 1.86 38.33 5.35
N LYS A 212 2.46 38.51 6.51
CA LYS A 212 2.53 37.47 7.53
C LYS A 212 1.18 37.06 8.15
N ASP A 213 0.11 37.76 7.86
CA ASP A 213 -1.12 37.54 8.63
C ASP A 213 -1.78 36.17 8.42
N PHE A 214 -1.98 35.81 7.16
CA PHE A 214 -2.64 34.53 6.90
C PHE A 214 -1.86 33.38 7.43
N ILE A 215 -0.57 33.39 7.17
CA ILE A 215 0.30 32.29 7.55
C ILE A 215 0.08 31.99 9.03
N LEU A 216 0.08 33.03 9.86
CA LEU A 216 0.00 32.84 11.29
C LEU A 216 -1.36 32.32 11.66
N SER A 217 -2.37 32.85 11.00
CA SER A 217 -3.73 32.43 11.32
C SER A 217 -3.98 30.96 10.92
N LEU A 218 -3.39 30.55 9.80
CA LEU A 218 -3.44 29.16 9.29
C LEU A 218 -2.72 28.26 10.24
N LEU A 219 -1.55 28.73 10.63
CA LEU A 219 -0.68 27.97 11.50
C LEU A 219 -1.37 27.73 12.81
N HIS A 220 -2.21 28.72 13.19
CA HIS A 220 -3.08 28.58 14.36
C HIS A 220 -4.15 27.51 14.15
N HIS A 221 -4.87 27.69 13.06
CA HIS A 221 -5.98 26.82 12.67
C HIS A 221 -5.65 25.33 12.63
N VAL A 222 -4.43 25.06 12.22
CA VAL A 222 -3.92 23.70 12.05
C VAL A 222 -3.56 23.19 13.43
N SER A 223 -2.96 24.05 14.23
CA SER A 223 -2.59 23.69 15.58
C SER A 223 -3.78 23.35 16.48
N GLU A 224 -4.96 23.88 16.20
CA GLU A 224 -6.20 23.43 16.88
C GLU A 224 -6.58 21.91 16.70
N LEU A 225 -6.25 21.29 15.57
CA LEU A 225 -6.52 19.85 15.39
C LEU A 225 -5.73 19.03 16.40
N ASP A 226 -6.14 17.79 16.61
CA ASP A 226 -5.33 16.91 17.46
C ASP A 226 -4.03 16.53 16.72
N SER A 227 -3.04 16.16 17.52
CA SER A 227 -1.71 15.89 16.99
C SER A 227 -1.71 14.65 16.11
N ASN A 228 -2.76 13.85 16.22
CA ASN A 228 -2.89 12.68 15.36
C ASN A 228 -4.07 12.64 14.34
N ASP A 229 -4.68 13.82 14.14
CA ASP A 229 -5.70 13.98 13.12
C ASP A 229 -5.08 14.02 11.72
N PHE A 230 -5.22 12.94 11.00
CA PHE A 230 -4.72 12.88 9.63
C PHE A 230 -5.21 13.97 8.74
N PHE A 231 -6.13 14.79 9.21
CA PHE A 231 -6.62 15.88 8.37
C PHE A 231 -5.52 16.90 8.17
N ILE A 232 -4.49 16.87 9.04
CA ILE A 232 -3.33 17.74 8.95
C ILE A 232 -2.71 17.72 7.57
N ILE A 233 -2.68 16.54 6.97
CA ILE A 233 -2.08 16.31 5.66
C ILE A 233 -2.65 17.22 4.58
N TYR A 234 -3.91 17.61 4.69
CA TYR A 234 -4.60 18.35 3.65
C TYR A 234 -4.12 19.80 3.63
N TYR A 235 -3.54 20.25 4.74
CA TYR A 235 -2.85 21.56 4.79
C TYR A 235 -1.37 21.53 4.41
N THR A 236 -0.77 20.36 4.16
CA THR A 236 0.68 20.33 3.92
C THR A 236 1.06 20.80 2.55
N PRO A 237 0.18 20.66 1.57
CA PRO A 237 0.57 21.21 0.29
C PRO A 237 0.66 22.70 0.40
N ALA A 238 -0.36 23.34 0.91
CA ALA A 238 -0.33 24.79 0.99
C ALA A 238 0.86 25.32 1.82
N PHE A 239 1.10 24.76 2.99
CA PHE A 239 2.22 25.19 3.86
C PHE A 239 3.65 24.91 3.27
N PHE A 240 3.75 23.81 2.55
CA PHE A 240 5.03 23.37 2.11
C PHE A 240 5.43 24.31 1.02
N HIS A 241 4.45 24.71 0.22
CA HIS A 241 4.71 25.44 -1.03
C HIS A 241 4.78 26.91 -0.76
N LEU A 242 4.15 27.24 0.35
CA LEU A 242 4.11 28.58 0.84
C LEU A 242 5.53 28.89 1.34
N PHE A 243 6.10 28.08 2.20
CA PHE A 243 7.51 28.25 2.55
C PHE A 243 8.50 28.18 1.37
N ALA A 244 8.13 27.47 0.34
CA ALA A 244 9.02 27.34 -0.80
C ALA A 244 8.81 28.49 -1.78
N SER A 245 7.91 29.40 -1.47
CA SER A 245 7.81 30.63 -2.25
C SER A 245 7.78 31.77 -1.27
N LEU A 246 8.85 31.83 -0.48
CA LEU A 246 9.05 32.85 0.55
C LEU A 246 9.42 34.22 -0.08
N ARG A 247 10.13 34.17 -1.21
CA ARG A 247 10.40 35.32 -2.10
C ARG A 247 9.18 36.17 -2.45
N VAL A 248 8.02 35.55 -2.60
CA VAL A 248 6.79 36.32 -2.85
C VAL A 248 6.55 37.30 -1.72
N LEU A 249 6.75 36.89 -0.48
CA LEU A 249 6.50 37.78 0.65
C LEU A 249 7.49 38.94 0.65
N PRO A 250 7.04 40.12 1.13
CA PRO A 250 7.97 41.20 1.38
C PRO A 250 8.97 40.85 2.51
N ASP A 251 10.25 41.18 2.27
CA ASP A 251 11.33 40.78 3.17
C ASP A 251 10.97 41.17 4.58
N ALA A 252 10.40 42.35 4.70
CA ALA A 252 9.98 42.88 5.98
C ALA A 252 9.29 41.80 6.85
N ASP A 253 8.47 40.96 6.19
CA ASP A 253 7.59 39.96 6.84
C ASP A 253 8.19 38.58 7.06
N VAL A 254 8.87 38.07 6.02
CA VAL A 254 9.78 36.93 6.19
C VAL A 254 10.63 37.09 7.47
N LYS A 255 11.33 38.22 7.60
CA LYS A 255 12.11 38.51 8.81
C LYS A 255 11.27 38.41 10.09
N LEU A 256 10.00 38.86 10.05
CA LEU A 256 9.15 38.90 11.28
C LEU A 256 8.67 37.55 11.75
N LEU A 257 8.37 36.68 10.77
CA LEU A 257 8.06 35.28 11.00
C LEU A 257 9.26 34.57 11.61
N HIS A 258 10.39 34.63 10.91
CA HIS A 258 11.63 34.07 11.41
C HIS A 258 11.75 34.30 12.92
N SER A 259 11.62 35.55 13.33
CA SER A 259 11.78 35.98 14.73
C SER A 259 10.70 35.36 15.61
N GLN A 260 9.47 35.57 15.15
CA GLN A 260 8.29 34.96 15.75
C GLN A 260 8.56 33.51 16.12
N PHE A 261 9.04 32.77 15.13
CA PHE A 261 9.18 31.35 15.23
C PHE A 261 10.21 30.95 16.26
N LYS A 263 10.89 32.43 18.82
CA LYS A 263 10.24 32.70 20.09
C LYS A 263 9.33 31.53 20.41
N ASP A 264 8.67 31.01 19.38
CA ASP A 264 7.76 29.88 19.51
C ASP A 264 8.49 28.62 20.01
N LEU A 265 9.73 28.41 19.56
CA LEU A 265 10.50 27.22 19.93
C LEU A 265 11.09 27.30 21.34
N LYS A 266 10.82 28.40 22.04
CA LYS A 266 11.28 28.57 23.42
C LYS A 266 10.10 28.54 24.40
N ASP A 267 8.95 29.06 23.98
CA ASP A 267 7.67 28.72 24.61
C ASP A 267 7.72 27.22 24.97
N ASP A 268 7.25 26.87 26.17
CA ASP A 268 7.35 25.48 26.67
C ASP A 268 6.41 24.51 25.97
N SER A 269 5.11 24.83 26.02
CA SER A 269 4.03 24.00 25.44
C SER A 269 4.08 23.85 23.90
N ILE A 270 5.13 24.37 23.28
CA ILE A 270 5.43 24.08 21.88
C ILE A 270 5.56 22.58 21.65
N TYR A 271 6.21 21.85 22.55
CA TYR A 271 6.45 20.41 22.33
C TYR A 271 5.17 19.54 22.31
N THR A 272 4.07 20.05 22.85
CA THR A 272 2.77 19.38 22.66
C THR A 272 2.11 19.71 21.31
N LYS A 273 2.69 20.65 20.54
CA LYS A 273 2.28 20.89 19.15
C LYS A 273 3.42 20.52 18.17
N PRO A 274 3.66 19.21 17.97
CA PRO A 274 4.78 18.74 17.19
C PRO A 274 4.65 19.04 15.67
N VAL A 275 3.42 19.32 15.23
CA VAL A 275 3.11 19.75 13.85
C VAL A 275 3.55 21.17 13.58
N LYS A 276 3.49 22.03 14.58
CA LYS A 276 4.04 23.36 14.42
C LYS A 276 5.56 23.21 14.30
N VAL A 277 6.15 22.52 15.29
CA VAL A 277 7.59 22.23 15.29
C VAL A 277 8.05 21.81 13.86
N ALA A 278 7.34 20.90 13.24
CA ALA A 278 7.77 20.44 11.94
C ALA A 278 7.67 21.53 10.90
N LEU A 279 6.55 22.22 10.88
CA LEU A 279 6.30 23.24 9.88
C LEU A 279 7.35 24.34 10.05
N ILE A 280 7.62 24.70 11.29
CA ILE A 280 8.59 25.74 11.56
C ILE A 280 9.93 25.34 10.97
N PHE A 281 10.42 24.19 11.41
CA PHE A 281 11.64 23.56 10.90
C PHE A 281 11.74 23.60 9.38
N ILE A 282 10.65 23.32 8.68
CA ILE A 282 10.66 23.40 7.24
C ILE A 282 10.85 24.85 6.75
N PHE A 283 10.21 25.78 7.44
CA PHE A 283 10.41 27.20 7.17
C PHE A 283 11.90 27.50 7.19
N PHE A 284 12.58 27.06 8.24
CA PHE A 284 14.02 27.27 8.32
C PHE A 284 14.75 26.62 7.14
N ALA A 285 14.39 25.42 6.78
CA ALA A 285 15.12 24.80 5.69
C ALA A 285 15.10 25.69 4.45
N TYR A 286 14.05 26.48 4.36
CA TYR A 286 13.81 27.28 3.16
C TYR A 286 14.38 28.69 3.27
N PHE A 287 14.19 29.25 4.46
CA PHE A 287 14.78 30.53 4.88
C PHE A 287 16.25 30.59 4.49
N ILE A 288 17.03 29.64 4.96
CA ILE A 288 18.43 29.47 4.54
C ILE A 288 18.66 29.89 3.10
N GLY A 289 17.93 29.29 2.17
CA GLY A 289 18.20 29.52 0.77
C GLY A 289 17.80 30.92 0.35
N TRP A 290 16.88 31.50 1.11
CA TRP A 290 16.27 32.78 0.80
C TRP A 290 17.19 33.87 1.26
N CYS A 291 17.85 33.69 2.40
CA CYS A 291 18.93 34.60 2.80
C CYS A 291 20.02 34.64 1.73
N LYS A 292 20.38 33.49 1.21
CA LYS A 292 21.49 33.41 0.27
C LYS A 292 21.14 34.01 -1.09
N GLU A 293 19.85 34.22 -1.36
CA GLU A 293 19.39 34.59 -2.71
C GLU A 293 19.54 36.10 -2.90
N ASP A 294 19.47 36.85 -1.79
CA ASP A 294 19.76 38.29 -1.78
C ASP A 294 20.69 38.59 -0.57
N PRO A 295 21.99 38.23 -0.71
CA PRO A 295 22.85 38.21 0.48
C PRO A 295 22.84 39.52 1.22
N LYS A 296 23.34 40.58 0.59
CA LYS A 296 23.62 41.87 1.27
C LYS A 296 22.55 42.25 2.31
N ARG A 297 21.26 42.16 1.95
CA ARG A 297 20.11 42.61 2.80
C ARG A 297 19.56 41.59 3.82
N ARG A 298 19.93 40.33 3.63
CA ARG A 298 19.30 39.24 4.32
C ARG A 298 20.34 38.45 5.08
N ALA A 299 21.14 37.67 4.34
CA ALA A 299 22.13 36.77 4.93
C ALA A 299 23.10 37.52 5.87
N ASP A 300 23.64 38.62 5.35
CA ASP A 300 24.71 39.35 6.00
C ASP A 300 24.22 39.99 7.29
N THR A 301 22.96 40.45 7.29
CA THR A 301 22.23 40.74 8.54
C THR A 301 22.35 39.69 9.64
N ASP A 303 23.17 36.20 11.99
CA ASP A 303 24.17 35.27 12.54
C ASP A 303 23.65 33.83 12.47
N PHE A 304 24.34 33.02 11.66
CA PHE A 304 23.95 31.64 11.42
C PHE A 304 23.78 30.77 12.67
N LYS A 305 24.71 30.82 13.63
CA LYS A 305 24.56 29.98 14.81
C LYS A 305 23.32 30.36 15.60
N THR A 306 22.97 31.63 15.67
CA THR A 306 21.85 32.06 16.56
C THR A 306 20.51 32.13 15.84
N ASP A 307 20.60 32.44 14.55
CA ASP A 307 19.45 32.75 13.69
C ASP A 307 18.95 31.52 12.89
N VAL A 308 19.67 30.42 12.94
CA VAL A 308 19.34 29.24 12.14
C VAL A 308 19.63 27.91 12.83
N ASP A 309 20.90 27.64 13.05
CA ASP A 309 21.36 26.35 13.56
C ASP A 309 20.79 26.08 15.00
N GLU A 310 20.91 27.06 15.89
CA GLU A 310 20.34 26.93 17.22
C GLU A 310 18.85 26.55 17.15
N PRO A 311 18.04 27.32 16.42
CA PRO A 311 16.62 26.93 16.35
C PRO A 311 16.31 25.61 15.63
N THR A 313 18.20 23.03 15.32
CA THR A 313 18.60 22.04 16.30
C THR A 313 17.54 21.87 17.36
N SER A 314 17.08 22.97 17.90
CA SER A 314 15.97 22.92 18.84
C SER A 314 14.74 22.10 18.27
N ALA A 315 14.34 22.39 17.04
CA ALA A 315 13.20 21.71 16.40
C ALA A 315 13.46 20.23 16.24
N VAL A 316 14.67 19.84 15.87
CA VAL A 316 15.01 18.43 15.78
C VAL A 316 14.84 17.74 17.13
N GLU A 317 15.33 18.36 18.20
CA GLU A 317 15.18 17.86 19.58
C GLU A 317 13.76 17.86 20.08
N LEU A 318 12.91 18.64 19.43
CA LEU A 318 11.49 18.64 19.68
C LEU A 318 10.72 17.74 18.73
N GLY A 319 11.41 16.81 18.09
CA GLY A 319 10.78 15.84 17.17
C GLY A 319 10.23 16.35 15.84
N ALA A 320 10.96 17.23 15.19
CA ALA A 320 10.49 17.80 13.93
C ALA A 320 10.61 16.72 12.86
N ILE A 321 11.62 15.88 12.99
CA ILE A 321 11.89 14.86 11.99
C ILE A 321 10.92 13.70 12.22
N GLU A 322 10.65 13.38 13.47
CA GLU A 322 9.71 12.33 13.73
C GLU A 322 8.42 12.70 13.01
N GLN A 323 7.98 13.94 13.16
CA GLN A 323 6.78 14.38 12.45
C GLN A 323 6.87 14.34 10.90
N ILE A 324 8.02 14.63 10.30
CA ILE A 324 8.18 14.50 8.83
C ILE A 324 8.06 13.03 8.40
N LEU A 325 8.72 12.15 9.13
CA LEU A 325 8.58 10.73 8.90
C LEU A 325 7.11 10.28 8.96
N ILE A 326 6.37 10.80 9.94
CA ILE A 326 4.97 10.43 10.08
C ILE A 326 4.13 10.94 8.91
N PHE A 327 4.31 12.19 8.53
CA PHE A 327 3.70 12.66 7.28
C PHE A 327 4.00 11.74 6.12
N ALA A 328 5.23 11.22 6.07
CA ALA A 328 5.73 10.51 4.92
C ALA A 328 5.15 9.15 4.84
N ALA A 329 5.21 8.50 6.00
CA ALA A 329 4.82 7.12 6.20
C ALA A 329 3.35 6.94 6.11
N ASP A 330 2.57 7.86 6.70
CA ASP A 330 1.10 7.79 6.65
C ASP A 330 0.45 8.28 5.36
N THR A 331 1.25 8.54 4.35
CA THR A 331 0.75 8.77 3.01
C THR A 331 1.44 7.81 2.06
N SER A 332 2.21 6.85 2.57
CA SER A 332 3.15 6.11 1.72
C SER A 332 2.45 5.03 0.92
N ILE A 333 2.92 4.74 -0.28
CA ILE A 333 2.28 3.67 -1.04
C ILE A 333 3.21 2.49 -1.23
N VAL A 334 4.00 2.27 -0.18
CA VAL A 334 5.04 1.25 -0.15
C VAL A 334 4.40 -0.14 -0.18
N GLU A 335 3.17 -0.24 0.36
CA GLU A 335 2.39 -1.50 0.29
C GLU A 335 2.20 -1.95 -1.16
N GLN A 336 2.15 -1.04 -2.08
CA GLN A 336 2.12 -1.42 -3.50
C GLN A 336 3.42 -2.00 -4.10
N ASP A 337 4.55 -1.92 -3.40
CA ASP A 337 5.82 -2.33 -3.98
C ASP A 337 5.91 -3.81 -3.81
N LYS A 338 5.64 -4.54 -4.88
CA LYS A 338 5.62 -5.98 -4.81
C LYS A 338 6.97 -6.66 -4.60
N SER A 339 8.05 -5.90 -4.57
CA SER A 339 9.40 -6.44 -4.36
C SER A 339 9.88 -6.19 -2.94
N GLU A 341 9.79 -6.00 1.00
CA GLU A 341 9.22 -6.67 2.13
C GLU A 341 10.05 -6.49 3.39
N LEU A 342 9.39 -5.98 4.43
CA LEU A 342 10.04 -5.63 5.69
C LEU A 342 9.99 -6.80 6.58
N PHE A 343 11.07 -7.09 7.26
CA PHE A 343 11.13 -8.33 8.00
C PHE A 343 11.20 -8.03 9.46
N TYR A 344 11.11 -6.74 9.80
CA TYR A 344 11.35 -6.25 11.17
C TYR A 344 10.68 -4.90 11.28
N ASP A 345 9.93 -4.67 12.34
CA ASP A 345 9.11 -3.47 12.38
C ASP A 345 9.93 -2.22 12.73
N ILE A 346 10.35 -1.54 11.68
CA ILE A 346 11.30 -0.45 11.85
C ILE A 346 10.53 0.79 12.23
N ARG A 347 9.27 0.90 11.79
CA ARG A 347 8.58 2.12 12.12
C ARG A 347 8.24 2.19 13.61
N SER A 348 8.29 1.08 14.30
CA SER A 348 8.00 1.16 15.71
C SER A 348 9.22 1.39 16.55
N LEU A 349 10.39 1.16 15.97
CA LEU A 349 11.62 1.43 16.65
C LEU A 349 11.89 2.91 16.54
N LEU A 350 11.44 3.52 15.44
CA LEU A 350 11.87 4.87 15.11
C LEU A 350 10.88 5.92 15.46
N GLU A 351 9.61 5.59 15.34
CA GLU A 351 8.55 6.48 15.80
C GLU A 351 7.95 6.02 17.13
N ARG A 352 8.47 6.55 18.25
CA ARG A 352 7.98 6.19 19.57
C ARG A 352 7.65 7.37 20.45
N HIS A 353 7.27 8.49 19.90
CA HIS A 353 7.06 9.69 20.72
C HIS A 353 5.89 10.51 20.16
N ILE A 354 5.63 10.40 18.88
CA ILE A 354 4.49 11.04 18.26
C ILE A 354 3.60 9.96 17.65
N PRO A 355 2.30 10.00 17.96
CA PRO A 355 1.32 9.11 17.36
C PRO A 355 1.23 9.14 15.83
N ARG A 356 0.86 7.97 15.30
CA ARG A 356 0.49 7.82 13.90
C ARG A 356 -0.79 8.61 13.63
N LEU A 357 -1.01 8.96 12.38
CA LEU A 357 -2.10 9.86 11.99
C LEU A 357 -3.18 8.94 11.56
N ILE A 358 -4.41 9.29 11.91
CA ILE A 358 -5.62 8.47 11.64
C ILE A 358 -6.69 9.50 11.41
N PRO A 359 -7.65 9.24 10.52
CA PRO A 359 -8.64 10.24 10.16
C PRO A 359 -9.73 10.26 11.22
N LYS A 360 -9.36 10.70 12.40
CA LYS A 360 -10.13 10.39 13.59
C LYS A 360 -11.50 11.04 13.62
N GLN A 361 -11.71 12.15 12.92
CA GLN A 361 -13.06 12.72 12.81
C GLN A 361 -14.06 11.88 11.94
N LEU A 362 -13.54 10.84 11.30
CA LEU A 362 -14.38 9.97 10.52
C LEU A 362 -14.53 8.61 11.18
N LEU A 363 -13.87 8.41 12.32
CA LEU A 363 -13.82 7.11 12.95
C LEU A 363 -14.73 7.09 14.18
N ASP A 364 -15.03 5.87 14.66
CA ASP A 364 -15.98 5.60 15.78
C ASP A 364 -15.47 4.46 16.64
N SER A 419 -15.83 3.48 9.03
CA SER A 419 -15.07 2.34 8.50
C SER A 419 -14.00 2.79 7.46
N TYR A 420 -12.97 3.48 7.95
CA TYR A 420 -11.90 4.03 7.09
C TYR A 420 -10.55 3.46 7.52
N THR A 421 -10.13 2.38 6.87
CA THR A 421 -8.76 1.87 7.00
C THR A 421 -7.77 2.87 6.30
N THR A 422 -7.74 2.91 4.96
CA THR A 422 -6.82 3.81 4.23
C THR A 422 -7.57 4.75 3.29
N ILE A 423 -7.00 5.95 3.12
CA ILE A 423 -7.59 7.10 2.41
C ILE A 423 -6.76 7.49 1.17
N VAL A 424 -7.44 7.78 0.07
CA VAL A 424 -6.75 8.33 -1.08
C VAL A 424 -7.02 9.82 -1.22
N LEU A 425 -6.11 10.49 -1.91
CA LEU A 425 -6.26 11.88 -2.16
C LEU A 425 -6.68 11.98 -3.61
N SER A 426 -7.40 13.03 -3.98
CA SER A 426 -7.73 13.22 -5.38
C SER A 426 -6.45 13.17 -6.20
N ASP A 427 -6.55 12.91 -7.50
CA ASP A 427 -5.37 13.07 -8.38
C ASP A 427 -4.76 14.47 -8.27
N GLN A 428 -5.59 15.50 -8.41
CA GLN A 428 -5.14 16.90 -8.35
C GLN A 428 -4.46 17.17 -7.03
N THR A 429 -4.87 16.48 -5.96
CA THR A 429 -4.28 16.73 -4.63
C THR A 429 -3.05 15.87 -4.43
N GLN A 430 -3.08 14.66 -4.95
CA GLN A 430 -1.92 13.81 -4.77
C GLN A 430 -0.78 14.54 -5.39
N GLU A 431 -1.04 15.14 -6.54
CA GLU A 431 0.00 15.80 -7.31
C GLU A 431 0.61 17.01 -6.57
N PHE A 432 -0.22 17.92 -6.08
CA PHE A 432 0.33 19.02 -5.29
C PHE A 432 1.11 18.57 -4.02
N PHE A 433 0.66 17.50 -3.40
CA PHE A 433 1.28 17.01 -2.18
C PHE A 433 2.65 16.44 -2.54
N LEU A 434 2.64 15.41 -3.37
CA LEU A 434 3.89 14.82 -3.83
C LEU A 434 4.90 15.85 -4.28
N SER A 435 4.50 16.76 -5.15
CA SER A 435 5.45 17.72 -5.72
C SER A 435 6.05 18.66 -4.64
N SER A 436 5.16 19.28 -3.88
CA SER A 436 5.55 20.16 -2.78
C SER A 436 6.41 19.51 -1.68
N PHE A 437 6.17 18.22 -1.41
CA PHE A 437 6.83 17.49 -0.33
C PHE A 437 8.19 16.95 -0.79
N ASP A 438 8.21 16.50 -2.04
CA ASP A 438 9.46 16.11 -2.66
C ASP A 438 10.39 17.30 -2.62
N ASP A 439 9.84 18.49 -2.87
CA ASP A 439 10.66 19.70 -2.83
C ASP A 439 11.13 19.99 -1.44
N VAL A 440 10.34 19.61 -0.43
CA VAL A 440 10.77 19.82 0.94
C VAL A 440 11.90 18.86 1.25
N LEU A 441 11.73 17.59 0.93
CA LEU A 441 12.78 16.62 1.26
C LEU A 441 14.11 16.95 0.59
N GLN A 442 14.04 17.49 -0.62
CA GLN A 442 15.24 17.78 -1.39
C GLN A 442 15.88 19.10 -0.95
N THR A 443 15.05 20.05 -0.53
CA THR A 443 15.59 21.26 0.04
C THR A 443 16.42 20.88 1.25
N ILE A 444 15.86 20.07 2.13
CA ILE A 444 16.57 19.64 3.33
C ILE A 444 17.91 18.99 2.95
N ILE A 445 17.90 18.19 1.91
CA ILE A 445 19.12 17.52 1.48
C ILE A 445 20.17 18.52 1.06
N THR A 446 19.86 19.41 0.14
CA THR A 446 20.88 20.33 -0.37
C THR A 446 21.21 21.43 0.68
N ASP A 447 20.29 22.34 0.95
CA ASP A 447 20.45 23.36 1.99
C ASP A 447 20.69 22.91 3.47
N CYS A 448 20.64 21.65 3.87
CA CYS A 448 20.84 21.32 5.33
C CYS A 448 21.95 20.33 5.75
N ALA A 449 22.88 20.06 4.85
CA ALA A 449 23.96 19.10 5.13
C ALA A 449 24.63 19.30 6.52
N PHE A 450 24.68 20.53 6.99
CA PHE A 450 25.36 20.80 8.25
C PHE A 450 24.62 20.22 9.40
N LEU A 451 23.30 20.11 9.25
CA LEU A 451 22.46 19.60 10.31
C LEU A 451 22.55 18.09 10.32
N LEU A 452 22.66 17.52 9.14
CA LEU A 452 22.79 16.10 9.02
C LEU A 452 24.06 15.61 9.65
N THR A 453 25.21 16.21 9.30
CA THR A 453 26.50 15.83 9.91
C THR A 453 26.51 16.14 11.39
N LYS A 454 25.87 17.24 11.78
CA LYS A 454 25.74 17.58 13.20
C LYS A 454 25.12 16.42 13.97
N ILE A 455 24.00 15.93 13.45
CA ILE A 455 23.22 14.86 14.04
C ILE A 455 23.95 13.53 13.95
N LYS A 456 24.52 13.25 12.77
CA LYS A 456 25.24 12.00 12.56
C LYS A 456 26.17 11.88 13.72
N ASP A 457 27.01 12.91 13.87
CA ASP A 457 28.14 12.89 14.78
C ASP A 457 27.61 12.77 16.21
N ALA A 458 26.56 13.53 16.49
CA ALA A 458 25.82 13.44 17.76
C ALA A 458 25.47 12.03 18.18
N GLU A 459 24.93 11.30 17.22
CA GLU A 459 24.41 9.98 17.46
C GLU A 459 25.53 8.98 17.64
N GLU A 460 26.62 9.08 16.88
CA GLU A 460 27.71 8.08 16.95
C GLU A 460 28.26 8.11 18.35
N ASP A 461 28.16 9.27 19.01
CA ASP A 461 28.68 9.47 20.36
C ASP A 461 27.75 9.07 21.53
N SER A 462 26.45 9.34 21.40
CA SER A 462 25.50 9.25 22.51
C SER A 462 25.48 7.91 23.25
N LEU A 463 25.11 6.80 22.61
CA LEU A 463 24.89 5.54 23.37
C LEU A 463 26.19 4.89 23.68
N LEU A 464 26.25 4.30 24.87
CA LEU A 464 27.46 3.68 25.39
C LEU A 464 27.42 2.16 25.41
N SER A 465 28.47 1.55 24.88
CA SER A 465 28.63 0.11 24.97
C SER A 465 28.76 -0.29 26.46
N GLY A 466 28.07 -1.40 26.77
CA GLY A 466 28.04 -2.07 28.06
C GLY A 466 26.82 -1.63 28.85
N GLU A 467 25.67 -1.45 28.21
CA GLU A 467 24.47 -0.96 28.92
C GLU A 467 23.20 -1.70 28.50
N ASP A 468 22.15 -1.68 29.33
CA ASP A 468 20.86 -2.29 28.95
C ASP A 468 19.99 -1.31 28.24
N LEU A 469 20.11 -1.27 26.92
CA LEU A 469 19.41 -0.26 26.14
C LEU A 469 18.01 -0.77 25.92
N THR A 470 17.03 0.09 26.07
CA THR A 470 15.69 -0.27 25.69
C THR A 470 15.39 0.26 24.31
N LEU A 471 14.33 -0.21 23.71
CA LEU A 471 13.95 0.37 22.43
C LEU A 471 13.73 1.86 22.55
N ASP A 472 13.11 2.31 23.63
CA ASP A 472 12.89 3.75 23.81
C ASP A 472 14.22 4.53 23.80
N ASP A 473 15.25 3.96 24.45
CA ASP A 473 16.63 4.49 24.48
C ASP A 473 17.29 4.54 23.09
N ILE A 474 17.15 3.44 22.34
CA ILE A 474 17.73 3.35 21.02
C ILE A 474 17.10 4.34 20.03
N SER A 475 15.86 4.73 20.32
CA SER A 475 15.09 5.55 19.42
C SER A 475 15.28 6.98 19.73
N LEU A 476 15.52 7.30 20.99
CA LEU A 476 15.66 8.70 21.41
C LEU A 476 16.41 9.60 20.39
N LYS A 477 17.69 9.28 20.14
CA LYS A 477 18.60 10.08 19.27
C LYS A 477 18.61 9.71 17.78
N ALA A 478 17.83 8.71 17.40
CA ALA A 478 17.76 8.19 16.03
C ALA A 478 17.08 9.13 15.05
N ASP A 479 17.45 10.41 15.08
CA ASP A 479 16.83 11.40 14.22
C ASP A 479 17.34 11.30 12.79
N LEU A 480 18.55 10.78 12.60
CA LEU A 480 19.08 10.72 11.26
C LEU A 480 18.40 9.55 10.57
N GLU A 481 18.30 8.44 11.29
CA GLU A 481 17.69 7.23 10.77
C GLU A 481 16.23 7.51 10.40
N ARG A 482 15.50 8.22 11.28
CA ARG A 482 14.16 8.73 10.95
C ARG A 482 14.08 9.48 9.62
N PHE A 483 15.08 10.33 9.36
CA PHE A 483 15.09 11.04 8.09
C PHE A 483 15.28 10.09 6.91
N PHE A 484 16.18 9.11 7.04
CA PHE A 484 16.33 8.04 6.05
C PHE A 484 14.96 7.34 5.80
N LEU A 485 14.22 7.11 6.87
CA LEU A 485 12.91 6.42 6.71
C LEU A 485 11.87 7.32 6.06
N SER A 486 11.93 8.62 6.32
CA SER A 486 11.07 9.57 5.64
C SER A 486 11.25 9.45 4.12
N ILE A 487 12.52 9.29 3.69
CA ILE A 487 12.85 9.12 2.28
C ILE A 487 12.27 7.81 1.80
N TYR A 488 12.49 6.77 2.58
CA TYR A 488 12.01 5.44 2.24
C TYR A 488 10.50 5.37 2.02
N PHE A 489 9.74 6.00 2.91
CA PHE A 489 8.29 6.00 2.76
C PHE A 489 7.84 6.91 1.66
N PHE A 490 8.39 8.11 1.62
CA PHE A 490 7.95 9.00 0.55
C PHE A 490 8.36 8.55 -0.89
N TYR A 491 9.51 7.94 -1.12
CA TYR A 491 9.82 7.69 -2.51
C TYR A 491 9.34 6.30 -2.93
N ALA A 492 8.98 5.48 -1.96
CA ALA A 492 8.57 4.12 -2.31
C ALA A 492 7.40 4.15 -3.25
N SER A 493 7.54 3.26 -4.24
CA SER A 493 6.64 3.14 -5.42
C SER A 493 6.42 4.41 -6.20
N ARG A 494 7.32 5.39 -6.11
CA ARG A 494 7.13 6.62 -6.87
C ARG A 494 8.29 6.90 -7.81
N PRO A 495 8.47 6.08 -8.84
CA PRO A 495 9.72 6.07 -9.59
C PRO A 495 9.99 7.32 -10.34
N GLU A 496 8.91 7.97 -10.74
CA GLU A 496 8.96 9.24 -11.42
C GLU A 496 9.75 10.30 -10.58
N TYR A 497 9.91 10.06 -9.25
CA TYR A 497 10.79 10.82 -8.33
C TYR A 497 12.00 10.11 -7.74
N SER A 498 11.82 8.83 -7.35
CA SER A 498 12.93 8.00 -6.88
C SER A 498 14.11 8.34 -7.78
N CYS A 499 13.88 8.44 -9.06
CA CYS A 499 14.97 8.48 -10.05
C CYS A 499 15.87 9.70 -9.92
N THR A 500 15.36 10.77 -9.37
CA THR A 500 16.17 11.96 -9.10
C THR A 500 17.50 11.62 -8.37
N PHE A 501 17.45 10.67 -7.49
CA PHE A 501 18.62 10.28 -6.70
C PHE A 501 19.71 9.71 -7.56
N TRP A 502 19.32 8.95 -8.56
CA TRP A 502 20.26 8.26 -9.38
C TRP A 502 20.46 8.92 -10.73
N SER A 503 19.65 9.91 -11.05
CA SER A 503 19.63 10.39 -12.43
C SER A 503 20.96 11.01 -12.80
N ASP A 504 21.57 11.75 -11.88
CA ASP A 504 22.81 12.47 -12.16
C ASP A 504 23.82 12.37 -10.99
N LYS A 505 25.02 11.84 -11.28
CA LYS A 505 26.08 11.57 -10.26
C LYS A 505 26.75 12.79 -9.64
N GLU A 506 26.54 13.96 -10.23
CA GLU A 506 26.96 15.19 -9.64
C GLU A 506 25.93 15.59 -8.61
N SER A 507 24.65 15.46 -8.94
CA SER A 507 23.54 16.05 -8.14
C SER A 507 23.69 15.84 -6.65
N ASN A 508 23.13 16.76 -5.89
CA ASN A 508 23.13 16.67 -4.44
C ASN A 508 22.53 15.34 -3.90
N ALA A 509 21.39 14.96 -4.45
CA ALA A 509 20.75 13.72 -4.15
C ALA A 509 21.76 12.60 -4.26
N TYR A 510 22.40 12.45 -5.42
CA TYR A 510 23.34 11.33 -5.56
C TYR A 510 24.43 11.46 -4.51
N GLY A 511 24.91 12.68 -4.27
CA GLY A 511 25.88 12.93 -3.20
C GLY A 511 25.37 12.46 -1.84
N PHE A 512 24.18 12.91 -1.52
CA PHE A 512 23.46 12.49 -0.32
C PHE A 512 23.56 10.97 -0.10
N ILE A 513 23.34 10.21 -1.17
CA ILE A 513 23.40 8.77 -1.05
C ILE A 513 24.81 8.30 -0.70
N GLU A 514 25.81 8.80 -1.44
CA GLU A 514 27.22 8.50 -1.18
C GLU A 514 27.49 8.78 0.30
N TRP A 515 27.04 9.94 0.76
CA TRP A 515 27.22 10.31 2.17
C TRP A 515 26.63 9.28 3.12
N CYS A 516 25.39 8.89 2.87
CA CYS A 516 24.61 7.99 3.75
C CYS A 516 25.28 6.62 3.77
N SER A 517 25.86 6.27 2.61
CA SER A 517 26.60 5.03 2.44
C SER A 517 27.88 4.96 3.24
N ARG A 518 28.35 6.09 3.77
CA ARG A 518 29.51 6.10 4.69
C ARG A 518 29.17 6.23 6.19
N CYS A 519 27.88 6.31 6.55
CA CYS A 519 27.49 6.18 7.95
C CYS A 519 27.51 4.69 8.33
N ASN A 520 28.36 4.32 9.29
CA ASN A 520 28.62 2.91 9.62
C ASN A 520 27.91 2.41 10.84
N ASP A 521 27.54 3.32 11.71
CA ASP A 521 26.65 3.02 12.82
C ASP A 521 25.63 1.98 12.40
N ASN A 522 25.65 0.81 13.04
CA ASN A 522 24.85 -0.34 12.62
C ASN A 522 23.40 0.02 12.24
N LEU A 523 22.76 0.85 13.07
CA LEU A 523 21.39 1.24 12.79
C LEU A 523 21.32 2.18 11.63
N ARG A 525 23.49 2.31 9.11
CA ARG A 525 23.78 1.36 8.03
C ARG A 525 22.57 0.53 7.60
N SER A 526 21.82 -0.04 8.55
CA SER A 526 20.62 -0.80 8.15
C SER A 526 19.53 0.11 7.64
N CYS A 527 19.43 1.32 8.15
CA CYS A 527 18.36 2.20 7.66
C CYS A 527 18.67 2.64 6.26
N PHE A 528 19.96 2.82 6.01
CA PHE A 528 20.48 3.10 4.67
C PHE A 528 20.06 1.99 3.73
N TYR A 529 20.24 0.74 4.16
CA TYR A 529 19.91 -0.36 3.26
C TYR A 529 18.44 -0.30 2.88
N LEU A 530 17.59 0.03 3.86
CA LEU A 530 16.15 0.09 3.63
C LEU A 530 15.81 1.21 2.72
N VAL A 532 17.49 2.55 0.39
CA VAL A 532 17.87 2.32 -1.00
C VAL A 532 16.93 1.29 -1.64
N SER A 533 16.32 0.44 -0.84
CA SER A 533 15.41 -0.54 -1.42
C SER A 533 14.21 0.22 -1.99
N SER A 534 13.74 1.20 -1.22
CA SER A 534 12.68 2.09 -1.64
C SER A 534 12.97 2.81 -2.99
N LEU A 535 14.27 3.07 -3.17
CA LEU A 535 14.76 3.79 -4.33
C LEU A 535 15.17 2.92 -5.50
N SER A 536 15.12 1.60 -5.35
CA SER A 536 15.31 0.71 -6.50
C SER A 536 13.98 0.25 -7.08
N PHE A 537 13.04 1.16 -7.28
CA PHE A 537 11.67 0.74 -7.57
C PHE A 537 11.42 0.36 -9.01
N GLY A 538 11.64 1.30 -9.91
CA GLY A 538 11.57 0.92 -11.31
C GLY A 538 12.30 -0.37 -11.69
N PRO A 539 12.05 -0.88 -12.90
CA PRO A 539 12.99 -1.82 -13.49
C PRO A 539 14.30 -1.03 -13.76
N GLU A 540 14.10 0.27 -13.99
CA GLU A 540 15.11 1.22 -14.35
C GLU A 540 15.93 1.74 -13.17
N ASN A 541 15.28 2.01 -12.04
CA ASN A 541 16.00 2.33 -10.80
C ASN A 541 16.65 1.10 -10.26
N ALA A 542 15.98 -0.05 -10.35
CA ALA A 542 16.62 -1.24 -9.78
C ALA A 542 18.01 -1.46 -10.38
N LEU A 543 18.11 -1.17 -11.67
CA LEU A 543 19.35 -1.32 -12.42
C LEU A 543 20.43 -0.35 -11.99
N ASN A 544 20.07 0.86 -11.58
CA ASN A 544 21.07 1.81 -11.05
C ASN A 544 21.57 1.41 -9.69
N VAL A 545 20.67 0.81 -8.92
CA VAL A 545 21.01 0.38 -7.60
C VAL A 545 21.89 -0.82 -7.72
N TYR A 546 21.72 -1.56 -8.79
CA TYR A 546 22.62 -2.63 -9.06
C TYR A 546 24.01 -2.10 -9.41
N HIS A 547 24.06 -1.03 -10.19
CA HIS A 547 25.35 -0.43 -10.53
C HIS A 547 25.91 0.23 -9.30
N TYR A 548 25.06 0.86 -8.51
CA TYR A 548 25.56 1.68 -7.42
C TYR A 548 26.46 0.84 -6.50
N PHE A 549 26.07 -0.37 -6.21
CA PHE A 549 26.94 -1.18 -5.37
C PHE A 549 28.00 -1.96 -6.15
N GLY A 550 27.82 -2.17 -7.44
CA GLY A 550 28.84 -2.89 -8.23
C GLY A 550 29.98 -1.97 -8.58
N GLU A 551 29.63 -0.84 -9.18
CA GLU A 551 30.61 0.14 -9.67
C GLU A 551 30.94 1.15 -8.57
N ASN A 552 30.25 2.28 -8.54
CA ASN A 552 30.77 3.46 -7.82
C ASN A 552 30.36 3.59 -6.34
N SER A 553 30.83 2.72 -5.45
CA SER A 553 30.84 3.09 -4.01
C SER A 553 31.85 2.39 -3.10
N SER A 554 31.87 2.87 -1.85
CA SER A 554 32.57 2.22 -0.74
C SER A 554 31.93 0.87 -0.39
N ILE A 555 30.61 0.77 -0.54
CA ILE A 555 29.95 -0.52 -0.31
C ILE A 555 29.68 -1.31 -1.59
N SER A 556 30.09 -2.56 -1.62
CA SER A 556 29.97 -3.34 -2.82
C SER A 556 29.08 -4.50 -2.51
N TRP A 557 28.41 -5.02 -3.54
CA TRP A 557 27.62 -6.24 -3.35
C TRP A 557 28.39 -7.31 -2.57
N LYS A 558 29.69 -7.46 -2.83
CA LYS A 558 30.49 -8.49 -2.13
C LYS A 558 30.63 -8.16 -0.65
N ASN A 559 30.83 -6.89 -0.32
CA ASN A 559 30.90 -6.51 1.10
C ASN A 559 29.63 -6.91 1.83
N ILE A 560 28.50 -6.71 1.16
CA ILE A 560 27.21 -7.02 1.73
C ILE A 560 27.12 -8.53 2.00
N ALA A 561 27.47 -9.37 1.03
CA ALA A 561 27.45 -10.82 1.28
C ALA A 561 28.45 -11.18 2.37
N GLN A 562 29.58 -10.49 2.35
CA GLN A 562 30.61 -10.68 3.36
C GLN A 562 30.08 -10.43 4.75
N CYS A 563 29.28 -9.37 4.96
CA CYS A 563 28.60 -9.14 6.25
C CYS A 563 27.74 -10.33 6.56
N LEU A 564 26.96 -10.74 5.57
CA LEU A 564 26.03 -11.82 5.81
C LEU A 564 26.74 -13.10 6.21
N SER A 565 27.88 -13.36 5.58
CA SER A 565 28.70 -14.51 5.92
C SER A 565 29.28 -14.44 7.34
N ASP A 566 29.76 -13.25 7.71
CA ASP A 566 30.38 -13.03 9.03
C ASP A 566 29.40 -13.27 10.15
N TYR A 567 28.24 -12.63 10.05
CA TYR A 567 27.09 -12.90 10.94
C TYR A 567 26.77 -14.38 11.00
N THR A 568 26.83 -15.08 9.87
CA THR A 568 26.55 -16.49 9.87
C THR A 568 27.55 -17.19 10.81
N LYS A 569 28.86 -16.96 10.65
CA LYS A 569 29.88 -17.53 11.57
C LYS A 569 29.51 -17.17 12.99
N LYS A 570 29.56 -15.88 13.30
CA LYS A 570 29.27 -15.42 14.66
C LYS A 570 28.09 -16.16 15.28
N ILE A 571 27.06 -16.41 14.50
CA ILE A 571 25.83 -16.95 15.07
C ILE A 571 25.95 -18.43 15.44
N SER A 572 26.45 -19.28 14.54
CA SER A 572 26.63 -20.72 14.86
C SER A 572 27.78 -21.04 15.87
N ASN A 573 28.75 -20.13 15.95
CA ASN A 573 29.84 -20.27 16.94
C ASN A 573 29.38 -19.93 18.33
N PHE A 574 28.44 -19.00 18.44
CA PHE A 574 27.82 -18.66 19.73
C PHE A 574 27.08 -19.88 20.28
N ASN A 575 26.49 -20.66 19.38
CA ASN A 575 25.78 -21.91 19.73
C ASN A 575 26.74 -23.13 19.64
N SER A 576 27.87 -23.07 20.35
CA SER A 576 28.87 -24.16 20.38
C SER A 576 29.86 -24.00 21.55
N ASN A 604 19.62 -12.05 19.00
CA ASN A 604 19.96 -10.65 19.29
C ASN A 604 19.22 -9.65 18.38
N GLU A 605 18.63 -8.62 18.96
CA GLU A 605 17.81 -7.72 18.15
C GLU A 605 18.60 -6.80 17.21
N GLU A 606 19.79 -6.40 17.60
CA GLU A 606 20.62 -5.55 16.74
C GLU A 606 20.97 -6.25 15.45
N ALA A 607 21.03 -7.58 15.49
CA ALA A 607 21.45 -8.34 14.33
C ALA A 607 20.23 -8.65 13.48
N VAL A 608 19.10 -8.86 14.13
CA VAL A 608 17.88 -8.98 13.39
C VAL A 608 17.64 -7.71 12.59
N ILE A 609 17.79 -6.54 13.21
CA ILE A 609 17.58 -5.31 12.49
C ILE A 609 18.49 -5.17 11.27
N PHE A 610 19.79 -5.35 11.47
CA PHE A 610 20.76 -5.32 10.38
C PHE A 610 20.46 -6.38 9.28
N LEU A 611 20.45 -7.64 9.66
CA LEU A 611 20.11 -8.72 8.70
C LEU A 611 18.74 -8.57 8.01
N SER A 612 17.73 -8.23 8.76
CA SER A 612 16.43 -8.14 8.15
C SER A 612 16.52 -7.09 7.04
N SER A 613 17.34 -6.08 7.23
CA SER A 613 17.44 -4.97 6.26
C SER A 613 18.29 -5.34 5.07
N LEU A 614 19.37 -6.04 5.35
CA LEU A 614 20.21 -6.59 4.31
C LEU A 614 19.39 -7.40 3.33
N LEU A 615 18.62 -8.32 3.87
CA LEU A 615 17.72 -9.17 3.08
C LEU A 615 16.61 -8.37 2.39
N THR A 616 15.99 -7.41 3.10
CA THR A 616 14.91 -6.62 2.50
C THR A 616 15.35 -6.00 1.16
N LEU A 617 16.61 -5.55 1.17
CA LEU A 617 17.24 -4.85 0.06
C LEU A 617 17.64 -5.76 -1.10
N VAL A 618 18.28 -6.88 -0.76
CA VAL A 618 18.71 -7.82 -1.80
C VAL A 618 17.48 -8.40 -2.47
N GLY A 619 16.48 -8.70 -1.67
CA GLY A 619 15.15 -9.01 -2.18
C GLY A 619 14.66 -8.00 -3.20
N SER A 620 14.39 -6.77 -2.73
CA SER A 620 13.85 -5.73 -3.61
C SER A 620 14.51 -5.67 -4.98
N VAL A 621 15.85 -5.76 -5.04
CA VAL A 621 16.57 -5.57 -6.31
C VAL A 621 16.55 -6.83 -7.17
N THR A 622 16.93 -7.95 -6.57
CA THR A 622 16.92 -9.20 -7.30
C THR A 622 15.60 -9.47 -8.00
N TYR A 623 14.51 -9.09 -7.36
CA TYR A 623 13.18 -9.14 -7.98
C TYR A 623 13.09 -8.30 -9.25
N GLN A 624 13.44 -7.04 -9.14
CA GLN A 624 13.13 -6.09 -10.17
C GLN A 624 14.01 -6.08 -11.44
N VAL A 625 15.04 -6.95 -11.48
CA VAL A 625 16.07 -6.95 -12.55
C VAL A 625 16.08 -8.19 -13.41
N ASP A 626 16.62 -8.03 -14.63
CA ASP A 626 16.57 -9.07 -15.68
C ASP A 626 17.48 -10.23 -15.35
N GLU A 627 17.66 -11.18 -16.27
CA GLU A 627 18.21 -12.49 -15.87
C GLU A 627 19.70 -12.49 -15.77
N ASP A 628 20.33 -11.61 -16.55
CA ASP A 628 21.78 -11.48 -16.57
C ASP A 628 22.24 -10.90 -15.25
N VAL A 629 21.52 -9.85 -14.89
CA VAL A 629 21.82 -9.15 -13.66
C VAL A 629 21.46 -10.05 -12.50
N LYS A 630 20.31 -10.74 -12.60
CA LYS A 630 19.93 -11.71 -11.57
C LYS A 630 21.09 -12.67 -11.40
N SER A 631 21.65 -13.07 -12.53
CA SER A 631 22.66 -14.10 -12.55
C SER A 631 23.98 -13.71 -11.92
N SER A 632 24.37 -12.45 -12.05
CA SER A 632 25.61 -12.03 -11.36
C SER A 632 25.40 -11.97 -9.84
N LEU A 633 24.28 -11.39 -9.41
CA LEU A 633 23.97 -11.27 -7.99
C LEU A 633 23.92 -12.66 -7.39
N SER A 634 23.47 -13.64 -8.17
CA SER A 634 23.53 -15.02 -7.72
C SER A 634 24.98 -15.47 -7.47
N LYS A 635 25.91 -15.02 -8.31
CA LYS A 635 27.31 -15.43 -8.13
C LYS A 635 27.85 -14.95 -6.82
N VAL A 636 27.28 -13.84 -6.35
CA VAL A 636 27.69 -13.17 -5.12
C VAL A 636 26.97 -13.73 -3.91
N PHE A 637 25.64 -13.82 -4.02
CA PHE A 637 24.78 -14.10 -2.87
C PHE A 637 24.26 -15.51 -2.64
N SER A 638 24.26 -16.37 -3.65
CA SER A 638 23.57 -17.65 -3.50
C SER A 638 24.18 -18.47 -2.42
N ASP A 639 25.48 -18.71 -2.55
CA ASP A 639 26.16 -19.66 -1.65
C ASP A 639 26.12 -19.18 -0.21
N VAL A 640 26.01 -17.89 -0.01
CA VAL A 640 26.08 -17.34 1.36
C VAL A 640 24.68 -17.37 1.96
N LEU A 641 23.66 -17.15 1.13
CA LEU A 641 22.25 -17.18 1.58
C LEU A 641 21.90 -18.59 2.00
N PHE A 642 22.46 -19.52 1.22
CA PHE A 642 22.29 -20.95 1.45
C PHE A 642 22.80 -21.30 2.83
N GLU A 643 24.03 -20.86 3.13
CA GLU A 643 24.65 -21.11 4.43
C GLU A 643 23.91 -20.48 5.58
N PHE A 644 23.22 -19.38 5.33
CA PHE A 644 22.55 -18.62 6.37
C PHE A 644 21.23 -19.31 6.74
N THR A 645 20.62 -19.99 5.79
CA THR A 645 19.34 -20.62 6.08
C THR A 645 19.62 -21.95 6.73
N LYS A 646 20.88 -22.34 6.83
CA LYS A 646 21.22 -23.57 7.53
C LYS A 646 21.13 -23.28 9.02
N ILE A 647 21.51 -22.07 9.39
CA ILE A 647 21.34 -21.60 10.77
C ILE A 647 19.86 -21.35 11.07
N ASN A 648 19.49 -21.60 12.31
CA ASN A 648 18.18 -21.25 12.76
C ASN A 648 18.20 -19.87 13.41
N THR A 649 17.75 -18.92 12.57
CA THR A 649 17.39 -17.54 12.87
C THR A 649 15.84 -17.47 12.76
N PRO A 650 15.25 -16.33 13.11
CA PRO A 650 13.87 -16.11 12.71
C PRO A 650 13.74 -15.57 11.28
N LEU A 651 14.89 -15.42 10.61
CA LEU A 651 15.00 -14.89 9.24
C LEU A 651 15.20 -15.96 8.15
N VAL A 652 14.82 -17.20 8.43
CA VAL A 652 15.01 -18.27 7.46
C VAL A 652 14.08 -17.98 6.31
N GLY A 653 12.81 -17.80 6.63
CA GLY A 653 11.84 -17.55 5.59
C GLY A 653 12.31 -16.43 4.67
N ALA A 654 12.84 -15.39 5.28
CA ALA A 654 13.17 -14.18 4.57
C ALA A 654 14.23 -14.45 3.53
N ALA A 655 15.30 -15.14 3.96
CA ALA A 655 16.33 -15.65 3.06
C ALA A 655 15.76 -16.54 1.97
N PHE A 656 14.93 -17.52 2.33
CA PHE A 656 14.20 -18.24 1.29
C PHE A 656 13.55 -17.24 0.26
N LYS A 657 12.90 -16.15 0.69
CA LYS A 657 12.20 -15.34 -0.31
C LYS A 657 13.27 -14.76 -1.25
N VAL A 658 14.42 -14.40 -0.69
CA VAL A 658 15.46 -13.80 -1.51
C VAL A 658 16.02 -14.85 -2.47
N ILE A 659 16.47 -15.98 -1.95
CA ILE A 659 16.95 -17.03 -2.83
C ILE A 659 16.01 -17.19 -4.03
N SER A 660 14.75 -17.36 -3.76
CA SER A 660 13.76 -17.50 -4.78
C SER A 660 13.83 -16.36 -5.86
N ASN A 661 14.03 -15.12 -5.44
CA ASN A 661 14.24 -14.05 -6.45
C ASN A 661 15.41 -14.25 -7.40
N LEU A 662 16.47 -14.91 -6.91
CA LEU A 662 17.69 -15.25 -7.65
C LEU A 662 17.57 -16.48 -8.54
N VAL A 663 16.56 -17.31 -8.30
CA VAL A 663 16.36 -18.50 -9.10
C VAL A 663 16.13 -18.11 -10.54
N PRO A 664 16.86 -18.75 -11.46
CA PRO A 664 16.80 -18.38 -12.84
C PRO A 664 15.66 -19.05 -13.57
N LYS A 665 15.42 -18.57 -14.78
CA LYS A 665 14.31 -19.06 -15.59
C LYS A 665 14.64 -20.38 -16.21
N LEU A 666 15.85 -20.50 -16.71
CA LEU A 666 16.23 -21.69 -17.44
C LEU A 666 16.31 -22.83 -16.44
N GLU A 667 15.73 -23.98 -16.80
CA GLU A 667 15.52 -25.01 -15.81
C GLU A 667 16.85 -25.61 -15.47
N SER A 668 17.68 -25.66 -16.52
CA SER A 668 19.10 -26.10 -16.48
C SER A 668 19.94 -25.43 -15.42
N SER A 669 19.72 -24.12 -15.30
CA SER A 669 20.49 -23.28 -14.40
C SER A 669 20.07 -23.39 -12.92
N ARG A 670 19.06 -24.21 -12.64
CA ARG A 670 18.53 -24.27 -11.29
C ARG A 670 19.16 -25.34 -10.43
N THR A 671 20.07 -26.11 -11.03
CA THR A 671 20.61 -27.33 -10.39
C THR A 671 21.30 -27.01 -9.07
N LYS A 672 22.02 -25.89 -9.00
CA LYS A 672 22.70 -25.56 -7.75
C LYS A 672 21.69 -25.26 -6.65
N PHE A 673 20.54 -24.71 -7.02
CA PHE A 673 19.53 -24.38 -6.02
C PHE A 673 18.76 -25.60 -5.54
N TRP A 674 18.49 -26.55 -6.43
CA TRP A 674 17.76 -27.76 -6.02
C TRP A 674 18.60 -28.57 -5.08
N SER A 675 19.89 -28.64 -5.39
CA SER A 675 20.85 -29.30 -4.55
C SER A 675 20.87 -28.71 -3.18
N PHE A 676 21.01 -27.40 -3.14
CA PHE A 676 20.92 -26.66 -1.88
C PHE A 676 19.78 -27.20 -1.01
N LEU A 677 18.58 -27.17 -1.60
CA LEU A 677 17.36 -27.29 -0.84
C LEU A 677 17.20 -28.73 -0.37
N ASP A 678 17.54 -29.67 -1.24
CA ASP A 678 17.45 -31.06 -0.90
C ASP A 678 18.48 -31.39 0.20
N SER A 679 19.66 -30.77 0.13
CA SER A 679 20.61 -30.90 1.24
C SER A 679 19.99 -30.37 2.50
N LEU A 680 19.40 -29.18 2.40
CA LEU A 680 18.89 -28.51 3.58
C LEU A 680 17.93 -29.39 4.36
N ILE A 681 17.09 -30.11 3.60
CA ILE A 681 15.94 -30.83 4.16
C ILE A 681 16.40 -32.14 4.75
N PHE A 682 17.17 -32.86 3.95
CA PHE A 682 17.60 -34.21 4.27
C PHE A 682 18.96 -34.43 4.98
N LYS A 683 19.68 -33.36 5.30
CA LYS A 683 21.01 -33.48 5.93
C LYS A 683 20.92 -34.16 7.28
N ASP A 684 20.05 -33.68 8.16
CA ASP A 684 19.87 -34.31 9.48
C ASP A 684 18.66 -35.25 9.52
N SER A 685 18.22 -35.76 8.39
CA SER A 685 17.07 -36.65 8.38
C SER A 685 17.40 -38.02 8.89
N SER A 686 16.44 -38.72 9.48
CA SER A 686 16.60 -40.18 9.73
C SER A 686 15.59 -40.93 8.93
N LEU A 687 15.89 -41.14 7.67
CA LEU A 687 14.93 -41.80 6.79
C LEU A 687 14.88 -43.29 7.01
N ASN A 688 13.78 -43.89 6.59
CA ASN A 688 13.62 -45.32 6.68
C ASN A 688 12.66 -45.80 5.58
N TYR A 689 11.92 -46.89 5.86
CA TYR A 689 11.02 -47.48 4.87
C TYR A 689 9.71 -46.68 4.62
N SER A 690 9.35 -45.85 5.60
CA SER A 690 8.05 -45.16 5.58
C SER A 690 8.17 -43.80 4.92
N SER A 691 7.10 -43.43 4.24
CA SER A 691 6.91 -42.09 3.72
C SER A 691 7.03 -41.07 4.85
N GLU A 692 6.37 -41.34 5.99
CA GLU A 692 6.46 -40.47 7.16
C GLU A 692 7.89 -39.98 7.45
N SER A 693 8.88 -40.85 7.36
CA SER A 693 10.28 -40.45 7.62
C SER A 693 10.73 -39.25 6.81
N TYR A 694 10.24 -39.20 5.57
CA TYR A 694 10.58 -38.13 4.63
C TYR A 694 9.79 -36.87 4.99
N ARG A 695 8.52 -37.03 5.34
CA ARG A 695 7.76 -35.86 5.79
C ARG A 695 8.37 -35.25 7.02
N ASN A 696 8.83 -36.05 7.96
CA ASN A 696 9.58 -35.47 9.08
C ASN A 696 10.84 -34.68 8.74
N ALA A 697 11.51 -35.04 7.65
CA ALA A 697 12.73 -34.35 7.31
C ALA A 697 12.36 -32.90 7.18
N PHE A 698 11.31 -32.65 6.40
CA PHE A 698 10.72 -31.32 6.14
C PHE A 698 10.21 -30.64 7.42
N THR A 699 9.46 -31.37 8.22
CA THR A 699 8.76 -30.77 9.32
C THR A 699 9.66 -30.50 10.51
N ASN A 700 10.76 -31.24 10.61
CA ASN A 700 11.87 -30.87 11.55
C ASN A 700 12.60 -29.61 11.19
N VAL A 701 12.85 -29.40 9.92
CA VAL A 701 13.51 -28.18 9.42
C VAL A 701 12.58 -26.97 9.37
N LEU A 702 11.42 -27.11 8.73
CA LEU A 702 10.53 -25.98 8.44
C LEU A 702 9.56 -25.85 9.56
N THR A 703 10.04 -25.38 10.69
CA THR A 703 9.32 -25.50 11.93
C THR A 703 8.44 -24.31 12.24
N LYS A 704 8.52 -23.22 11.53
CA LYS A 704 7.61 -22.13 11.87
C LYS A 704 7.04 -21.44 10.66
N TYR A 705 5.95 -20.72 10.88
CA TYR A 705 5.08 -20.36 9.77
C TYR A 705 5.90 -19.73 8.64
N SER A 706 6.60 -18.66 8.99
CA SER A 706 7.50 -17.95 8.10
C SER A 706 8.50 -18.86 7.34
N ASP A 707 9.04 -19.86 8.02
CA ASP A 707 9.88 -20.86 7.35
C ASP A 707 9.09 -21.47 6.18
N VAL A 708 7.85 -21.81 6.43
CA VAL A 708 7.10 -22.56 5.45
C VAL A 708 6.76 -21.69 4.28
N LEU A 709 6.20 -20.56 4.63
CA LEU A 709 5.82 -19.63 3.62
C LEU A 709 7.01 -19.34 2.70
N GLY A 710 8.17 -19.08 3.26
CA GLY A 710 9.37 -18.83 2.42
C GLY A 710 9.66 -20.05 1.56
N PHE A 711 9.78 -21.19 2.20
CA PHE A 711 9.92 -22.43 1.47
C PHE A 711 8.99 -22.56 0.24
N LEU A 712 7.73 -22.22 0.41
CA LEU A 712 6.76 -22.38 -0.67
C LEU A 712 7.02 -21.42 -1.85
N GLN A 713 7.51 -20.24 -1.55
CA GLN A 713 7.82 -19.30 -2.61
C GLN A 713 9.06 -19.81 -3.38
N LEU A 714 10.04 -20.32 -2.63
CA LEU A 714 11.22 -20.87 -3.25
C LEU A 714 10.88 -22.05 -4.18
N PHE A 715 10.05 -22.94 -3.65
CA PHE A 715 9.65 -24.13 -4.37
C PHE A 715 8.82 -23.74 -5.56
N HIS A 716 7.91 -22.81 -5.34
CA HIS A 716 7.07 -22.37 -6.42
C HIS A 716 7.87 -21.90 -7.63
N ASN A 717 8.94 -21.17 -7.33
CA ASN A 717 9.88 -20.74 -8.36
C ASN A 717 10.75 -21.83 -8.92
N LEU A 718 11.28 -22.69 -8.07
CA LEU A 718 12.05 -23.81 -8.57
C LEU A 718 11.26 -24.77 -9.50
N ILE A 719 9.96 -25.04 -9.27
CA ILE A 719 9.25 -25.94 -10.21
C ILE A 719 8.53 -25.17 -11.27
N SER A 720 8.80 -23.88 -11.43
CA SER A 720 8.03 -23.10 -12.43
C SER A 720 8.42 -23.50 -13.85
N ILE A 721 7.49 -23.33 -14.80
CA ILE A 721 7.68 -23.76 -16.18
C ILE A 721 8.13 -22.61 -17.05
N HIS A 722 9.38 -22.62 -17.49
CA HIS A 722 9.84 -21.59 -18.40
C HIS A 722 9.99 -22.10 -19.85
N SER A 723 10.79 -23.15 -20.02
CA SER A 723 10.97 -23.81 -21.31
C SER A 723 9.70 -24.46 -21.80
N ARG A 724 8.86 -23.74 -22.52
CA ARG A 724 7.57 -24.32 -22.88
C ARG A 724 7.30 -24.30 -24.35
N GLU A 725 6.41 -25.19 -24.74
CA GLU A 725 6.09 -25.37 -26.14
C GLU A 725 5.39 -24.11 -26.67
N ASN A 726 5.64 -23.77 -27.93
CA ASN A 726 5.25 -22.46 -28.44
C ASN A 726 3.74 -22.19 -28.34
N ASN A 727 3.40 -21.26 -27.44
CA ASN A 727 2.01 -20.90 -27.11
C ASN A 727 1.08 -21.97 -26.56
N SER A 728 1.65 -23.12 -26.15
CA SER A 728 1.03 -23.96 -25.14
C SER A 728 1.47 -23.41 -23.78
N GLU A 729 0.95 -24.00 -22.71
CA GLU A 729 1.40 -23.69 -21.35
C GLU A 729 2.13 -24.89 -20.73
N TYR A 730 2.35 -25.91 -21.54
CA TYR A 730 2.91 -27.16 -21.08
C TYR A 730 4.42 -27.20 -21.24
N VAL A 732 7.69 -28.14 -22.32
CA VAL A 732 8.10 -28.90 -23.53
C VAL A 732 8.31 -30.36 -23.17
N PHE A 733 7.72 -31.24 -23.98
CA PHE A 733 7.81 -32.66 -23.74
C PHE A 733 9.26 -33.00 -23.54
N GLY A 734 9.55 -33.80 -22.53
CA GLY A 734 10.90 -34.23 -22.24
C GLY A 734 11.60 -33.54 -21.10
N LYS A 735 11.34 -32.24 -20.88
CA LYS A 735 12.06 -31.44 -19.85
C LYS A 735 11.47 -31.51 -18.45
N LEU A 736 12.39 -31.44 -17.47
CA LEU A 736 12.13 -31.32 -16.04
C LEU A 736 12.66 -30.00 -15.48
N ALA A 737 12.12 -29.57 -14.35
CA ALA A 737 12.55 -28.31 -13.71
C ALA A 737 13.62 -28.58 -12.67
N PHE A 738 14.00 -29.84 -12.54
CA PHE A 738 14.94 -30.20 -11.53
C PHE A 738 15.82 -31.37 -12.03
N PRO A 739 16.92 -31.63 -11.32
CA PRO A 739 17.77 -32.75 -11.52
C PRO A 739 17.04 -34.07 -11.61
N THR A 740 17.50 -34.84 -12.58
CA THR A 740 17.20 -36.26 -12.58
C THR A 740 17.72 -36.89 -11.30
N ARG A 741 16.94 -37.84 -10.80
CA ARG A 741 17.33 -38.62 -9.63
C ARG A 741 17.74 -37.76 -8.42
N LEU A 742 17.02 -36.66 -8.24
CA LEU A 742 17.29 -35.76 -7.15
C LEU A 742 17.39 -36.48 -5.79
N GLY A 743 18.41 -36.16 -5.00
CA GLY A 743 18.56 -36.76 -3.67
C GLY A 743 19.35 -38.05 -3.67
N GLN A 744 19.70 -38.48 -4.90
CA GLN A 744 20.59 -39.62 -5.17
C GLN A 744 21.68 -39.70 -4.18
N GLY A 745 21.82 -40.86 -3.56
CA GLY A 745 22.95 -41.08 -2.70
C GLY A 745 22.63 -40.95 -1.25
N TYR A 746 21.53 -40.29 -0.90
CA TYR A 746 21.08 -40.24 0.50
C TYR A 746 19.61 -40.49 0.74
N ARG A 747 18.87 -40.85 -0.31
CA ARG A 747 17.44 -41.14 -0.16
C ARG A 747 16.85 -41.70 -1.40
N LYS A 748 15.70 -42.34 -1.21
CA LYS A 748 14.86 -42.71 -2.32
C LYS A 748 14.58 -41.42 -3.08
N VAL A 749 14.95 -41.43 -4.35
CA VAL A 749 15.15 -40.22 -5.11
C VAL A 749 13.85 -39.67 -5.72
N GLY A 750 13.97 -38.47 -6.28
CA GLY A 750 12.91 -37.87 -7.10
C GLY A 750 12.15 -36.81 -6.34
N ILE A 751 11.23 -36.14 -7.04
CA ILE A 751 10.54 -34.97 -6.48
C ILE A 751 9.36 -35.29 -5.57
N TRP A 752 8.95 -36.54 -5.51
CA TRP A 752 7.67 -36.92 -4.86
C TRP A 752 7.54 -36.44 -3.39
N PRO A 753 8.53 -36.77 -2.54
CA PRO A 753 8.40 -36.37 -1.11
C PRO A 753 8.07 -34.89 -0.88
N TYR A 754 8.57 -33.99 -1.73
CA TYR A 754 8.23 -32.56 -1.65
C TYR A 754 6.71 -32.43 -1.64
N PHE A 755 6.03 -33.10 -2.58
CA PHE A 755 4.56 -33.00 -2.68
C PHE A 755 3.78 -33.72 -1.61
N ASP A 756 4.40 -34.71 -0.99
CA ASP A 756 3.83 -35.32 0.19
C ASP A 756 3.74 -34.29 1.33
N TYR A 757 4.85 -33.66 1.65
CA TYR A 757 4.87 -32.55 2.62
C TYR A 757 3.84 -31.46 2.27
N ILE A 758 3.97 -30.95 1.05
CA ILE A 758 3.17 -29.79 0.68
C ILE A 758 1.69 -30.11 0.81
N PHE A 759 1.26 -31.28 0.32
CA PHE A 759 -0.17 -31.67 0.32
C PHE A 759 -0.71 -32.03 1.69
N ASN A 760 -0.13 -33.09 2.27
CA ASN A 760 -0.64 -33.58 3.53
C ASN A 760 -0.15 -32.82 4.77
N ASP A 761 1.08 -32.33 4.79
CA ASP A 761 1.52 -31.68 6.01
C ASP A 761 1.05 -30.25 6.04
N ILE A 762 0.68 -29.69 4.90
CA ILE A 762 0.36 -28.22 4.87
C ILE A 762 -1.02 -27.93 4.33
N LEU A 763 -1.29 -28.21 3.06
CA LEU A 763 -2.57 -27.85 2.47
C LEU A 763 -3.71 -28.52 3.22
N ALA A 764 -3.51 -29.77 3.63
CA ALA A 764 -4.49 -30.48 4.43
C ALA A 764 -4.83 -29.71 5.67
N HIS A 765 -3.86 -29.04 6.27
CA HIS A 765 -4.11 -28.27 7.48
C HIS A 765 -4.27 -26.75 7.39
N VAL A 766 -4.51 -26.19 6.22
CA VAL A 766 -4.69 -24.73 6.16
C VAL A 766 -6.08 -24.46 6.63
N ASP A 767 -6.99 -25.40 6.38
CA ASP A 767 -8.40 -25.22 6.70
C ASP A 767 -8.59 -25.08 8.24
N GLN A 768 -7.49 -25.02 8.98
CA GLN A 768 -7.54 -24.69 10.38
C GLN A 768 -6.29 -23.87 10.77
N ILE A 769 -5.93 -22.90 9.92
CA ILE A 769 -4.92 -21.84 10.22
C ILE A 769 -5.68 -20.71 10.87
N VAL A 770 -5.08 -20.16 11.94
CA VAL A 770 -5.66 -19.11 12.81
C VAL A 770 -6.35 -17.90 12.10
N ASP A 771 -5.53 -17.09 11.41
CA ASP A 771 -5.88 -15.79 10.84
C ASP A 771 -6.01 -15.78 9.33
N ILE A 772 -7.22 -15.54 8.84
CA ILE A 772 -7.49 -15.63 7.40
C ILE A 772 -6.39 -15.10 6.43
N ARG A 773 -5.88 -13.91 6.66
CA ARG A 773 -4.91 -13.35 5.73
C ARG A 773 -3.72 -14.33 5.54
N ASN A 774 -3.31 -15.01 6.63
CA ASN A 774 -2.21 -15.99 6.56
C ASN A 774 -2.63 -17.34 5.99
N LYS A 775 -3.88 -17.71 6.20
CA LYS A 775 -4.38 -18.87 5.50
C LYS A 775 -4.18 -18.62 4.00
N ARG A 776 -4.72 -17.51 3.52
CA ARG A 776 -4.62 -17.21 2.11
C ARG A 776 -3.20 -17.10 1.61
N ALA A 777 -2.33 -16.62 2.47
CA ALA A 777 -0.92 -16.41 2.12
C ALA A 777 -0.16 -17.68 1.81
N VAL A 778 -0.62 -18.81 2.35
CA VAL A 778 -0.01 -20.12 2.07
C VAL A 778 -0.86 -20.93 1.10
N GLN A 779 -2.15 -20.63 1.03
CA GLN A 779 -3.01 -21.38 0.13
C GLN A 779 -2.63 -21.10 -1.29
N LEU A 780 -2.25 -19.86 -1.51
CA LEU A 780 -2.12 -19.30 -2.81
C LEU A 780 -0.82 -19.77 -3.49
N PRO A 781 0.33 -19.69 -2.81
CA PRO A 781 1.48 -20.41 -3.39
C PRO A 781 1.13 -21.83 -3.82
N ILE A 782 0.43 -22.55 -2.93
CA ILE A 782 0.23 -23.97 -3.12
C ILE A 782 -0.58 -24.21 -4.36
N LEU A 783 -1.61 -23.39 -4.57
CA LEU A 783 -2.49 -23.53 -5.72
C LEU A 783 -1.73 -23.21 -7.00
N LYS A 784 -0.98 -22.11 -7.00
CA LYS A 784 0.01 -21.87 -8.05
C LYS A 784 0.94 -23.07 -8.31
N ILE A 785 1.48 -23.65 -7.26
CA ILE A 785 2.31 -24.83 -7.48
C ILE A 785 1.52 -25.99 -8.10
N ILE A 786 0.39 -26.29 -7.50
CA ILE A 786 -0.41 -27.40 -7.98
C ILE A 786 -0.72 -27.28 -9.47
N TYR A 787 -1.10 -26.07 -9.88
CA TYR A 787 -1.49 -25.82 -11.24
C TYR A 787 -0.28 -25.95 -12.16
N THR A 788 0.88 -25.51 -11.68
CA THR A 788 2.14 -25.55 -12.47
C THR A 788 2.46 -26.99 -12.78
N GLY A 789 2.48 -27.79 -11.73
CA GLY A 789 2.63 -29.23 -11.89
C GLY A 789 1.72 -29.87 -12.92
N LEU A 790 0.49 -29.41 -13.00
CA LEU A 790 -0.45 -30.01 -13.92
C LEU A 790 -0.10 -29.62 -15.32
N CYS A 791 0.35 -28.39 -15.54
CA CYS A 791 0.85 -27.99 -16.87
C CYS A 791 2.25 -28.55 -17.12
N SER A 792 2.79 -29.30 -16.16
CA SER A 792 4.20 -29.63 -16.14
C SER A 792 4.56 -30.91 -16.90
N PHE A 793 3.61 -31.39 -17.71
CA PHE A 793 3.81 -32.55 -18.59
C PHE A 793 2.97 -32.37 -19.82
N ASP A 794 3.56 -32.47 -21.00
CA ASP A 794 2.76 -32.21 -22.20
C ASP A 794 1.82 -33.38 -22.45
N TYR A 795 0.56 -33.25 -22.07
CA TYR A 795 -0.36 -34.39 -22.18
C TYR A 795 -0.60 -34.74 -23.63
N SER A 796 -0.89 -33.72 -24.43
CA SER A 796 -1.32 -33.91 -25.80
C SER A 796 -0.28 -34.49 -26.77
N VAL A 797 0.92 -34.84 -26.30
CA VAL A 797 1.81 -35.73 -27.06
C VAL A 797 1.18 -37.10 -27.15
N ILE A 798 0.48 -37.50 -26.12
CA ILE A 798 -0.22 -38.77 -26.08
C ILE A 798 -1.65 -38.75 -26.69
N LEU A 799 -2.49 -37.80 -26.26
CA LEU A 799 -3.81 -37.61 -26.87
C LEU A 799 -3.66 -37.56 -28.38
N ASN A 800 -2.80 -36.65 -28.84
CA ASN A 800 -2.47 -36.47 -30.26
C ASN A 800 -1.19 -37.24 -30.68
N ASN A 816 12.84 -45.26 -21.04
CA ASN A 816 13.42 -43.89 -20.73
C ASN A 816 12.43 -42.73 -20.93
N PHE A 817 11.33 -42.97 -21.62
CA PHE A 817 10.22 -42.03 -21.61
C PHE A 817 9.32 -42.43 -20.46
N PHE A 818 9.55 -43.67 -20.03
CA PHE A 818 8.93 -44.26 -18.89
C PHE A 818 9.52 -43.52 -17.73
N ASN A 819 10.84 -43.43 -17.72
CA ASN A 819 11.53 -42.68 -16.69
C ASN A 819 11.05 -41.26 -16.57
N TYR A 820 10.96 -40.54 -17.70
CA TYR A 820 10.47 -39.13 -17.68
C TYR A 820 9.14 -39.02 -16.98
N VAL A 821 8.21 -39.88 -17.40
CA VAL A 821 6.89 -39.99 -16.77
C VAL A 821 6.99 -40.17 -15.24
N GLN A 822 7.86 -41.05 -14.79
CA GLN A 822 8.01 -41.24 -13.35
C GLN A 822 8.56 -40.00 -12.66
N GLU A 823 9.54 -39.34 -13.25
CA GLU A 823 10.24 -38.18 -12.62
C GLU A 823 9.31 -36.99 -12.46
N CYS A 824 8.31 -36.94 -13.35
CA CYS A 824 7.43 -35.78 -13.56
C CYS A 824 6.53 -35.46 -12.37
N PRO A 825 6.42 -34.19 -12.01
CA PRO A 825 5.61 -33.83 -10.86
C PRO A 825 4.13 -34.10 -11.01
N ALA A 826 3.64 -33.99 -12.24
CA ALA A 826 2.24 -34.25 -12.51
C ALA A 826 1.75 -35.55 -11.89
N ILE A 827 2.61 -36.54 -11.73
CA ILE A 827 2.22 -37.80 -11.09
C ILE A 827 1.85 -37.67 -9.61
N PRO A 828 2.81 -37.36 -8.72
CA PRO A 828 2.40 -37.19 -7.36
C PRO A 828 1.24 -36.16 -7.21
N ILE A 829 1.19 -35.15 -8.08
CA ILE A 829 0.13 -34.12 -7.96
C ILE A 829 -1.26 -34.72 -8.18
N PHE A 830 -1.41 -35.53 -9.23
CA PHE A 830 -2.66 -36.24 -9.42
C PHE A 830 -2.93 -37.15 -8.20
N ASN A 831 -1.90 -37.86 -7.82
CA ASN A 831 -2.05 -38.81 -6.77
C ASN A 831 -2.61 -38.18 -5.49
N TYR A 832 -2.24 -36.98 -5.18
CA TYR A 832 -2.81 -36.41 -3.97
C TYR A 832 -4.09 -35.67 -4.29
N ILE A 833 -4.31 -35.25 -5.53
CA ILE A 833 -5.52 -34.46 -5.76
C ILE A 833 -6.71 -35.35 -5.52
N PHE A 834 -6.60 -36.61 -5.95
CA PHE A 834 -7.58 -37.61 -5.59
C PHE A 834 -7.72 -38.02 -4.08
N THR A 835 -6.70 -37.88 -3.22
CA THR A 835 -6.98 -37.98 -1.77
C THR A 835 -8.08 -36.96 -1.51
N GLU A 836 -8.99 -37.27 -0.57
CA GLU A 836 -10.14 -36.41 -0.35
C GLU A 836 -9.81 -35.12 0.37
N LYS A 837 -9.06 -35.22 1.45
CA LYS A 837 -8.71 -34.03 2.19
C LYS A 837 -8.21 -32.94 1.23
N ILE A 838 -7.58 -33.36 0.13
CA ILE A 838 -7.07 -32.45 -0.87
C ILE A 838 -8.13 -31.92 -1.81
N TYR A 839 -8.90 -32.77 -2.48
CA TYR A 839 -9.94 -32.20 -3.35
C TYR A 839 -11.03 -31.44 -2.57
N LYS A 840 -11.20 -31.72 -1.28
CA LYS A 840 -12.16 -30.95 -0.49
C LYS A 840 -11.67 -29.56 -0.31
N SER A 841 -10.40 -29.38 -0.01
CA SER A 841 -9.97 -28.00 0.24
C SER A 841 -9.98 -27.20 -1.06
N ILE A 842 -9.54 -27.82 -2.15
CA ILE A 842 -9.61 -27.13 -3.43
C ILE A 842 -11.03 -26.76 -3.76
N PHE A 843 -11.98 -27.62 -3.36
CA PHE A 843 -13.41 -27.40 -3.63
C PHE A 843 -14.06 -26.28 -2.78
N ASN A 844 -13.67 -26.08 -1.51
CA ASN A 844 -14.24 -24.94 -0.74
C ASN A 844 -13.89 -23.61 -1.29
N VAL A 845 -12.70 -23.52 -1.84
CA VAL A 845 -12.26 -22.29 -2.41
C VAL A 845 -13.37 -21.83 -3.34
N VAL A 846 -13.95 -22.78 -4.06
CA VAL A 846 -14.99 -22.49 -5.01
C VAL A 846 -16.33 -22.27 -4.34
N ASP A 847 -16.66 -23.05 -3.33
CA ASP A 847 -17.90 -22.80 -2.54
C ASP A 847 -18.00 -21.40 -1.99
N VAL A 848 -17.17 -21.04 -1.04
CA VAL A 848 -17.08 -19.63 -0.64
C VAL A 848 -16.06 -18.81 -1.47
N GLY A 849 -16.54 -17.96 -2.38
CA GLY A 849 -15.67 -17.07 -3.18
C GLY A 849 -15.36 -15.72 -2.52
N VAL A 850 -15.56 -14.62 -3.26
CA VAL A 850 -15.39 -13.24 -2.75
C VAL A 850 -16.25 -13.06 -1.50
N ASP A 851 -15.62 -12.58 -0.43
CA ASP A 851 -16.09 -12.78 0.94
C ASP A 851 -15.35 -11.85 1.90
N GLY A 859 -6.00 -11.18 1.74
CA GLY A 859 -6.49 -10.95 0.38
C GLY A 859 -7.36 -9.71 0.11
N GLY A 860 -8.51 -9.94 -0.53
CA GLY A 860 -9.27 -8.90 -1.24
C GLY A 860 -9.37 -9.31 -2.72
N LYS A 861 -8.78 -8.51 -3.62
CA LYS A 861 -8.59 -8.90 -5.04
C LYS A 861 -7.41 -9.93 -5.16
N ASN A 862 -6.81 -10.25 -4.02
CA ASN A 862 -5.85 -11.33 -3.91
C ASN A 862 -6.55 -12.68 -3.70
N GLN A 863 -7.54 -12.68 -2.80
CA GLN A 863 -8.52 -13.77 -2.61
C GLN A 863 -9.30 -14.17 -3.87
N ALA A 864 -9.55 -13.20 -4.74
CA ALA A 864 -10.23 -13.50 -5.96
C ALA A 864 -9.33 -14.32 -6.91
N GLU A 865 -8.01 -14.18 -6.81
CA GLU A 865 -7.06 -14.94 -7.66
C GLU A 865 -6.99 -16.40 -7.22
N LEU A 866 -7.05 -16.56 -5.90
CA LEU A 866 -7.02 -17.84 -5.27
C LEU A 866 -8.20 -18.65 -5.80
N LEU A 867 -9.31 -17.96 -5.96
CA LEU A 867 -10.51 -18.52 -6.58
C LEU A 867 -10.37 -18.96 -8.05
N GLN A 868 -9.83 -18.11 -8.92
CA GLN A 868 -9.56 -18.51 -10.30
C GLN A 868 -8.70 -19.76 -10.34
N LEU A 869 -7.67 -19.76 -9.51
CA LEU A 869 -6.75 -20.88 -9.50
C LEU A 869 -7.45 -22.18 -9.20
N ALA A 870 -8.35 -22.10 -8.22
CA ALA A 870 -9.12 -23.24 -7.73
C ALA A 870 -9.88 -23.86 -8.86
N VAL A 871 -10.52 -23.00 -9.63
CA VAL A 871 -11.31 -23.42 -10.77
C VAL A 871 -10.44 -23.98 -11.91
N LYS A 872 -9.51 -23.17 -12.42
CA LYS A 872 -8.54 -23.64 -13.42
C LYS A 872 -7.95 -25.03 -13.10
N ILE A 873 -7.65 -25.28 -11.82
CA ILE A 873 -7.05 -26.54 -11.39
C ILE A 873 -8.01 -27.71 -11.64
N ILE A 874 -9.25 -27.52 -11.20
CA ILE A 874 -10.29 -28.55 -11.32
C ILE A 874 -10.53 -28.86 -12.77
N ASN A 875 -10.66 -27.82 -13.58
CA ASN A 875 -10.83 -27.99 -14.99
C ASN A 875 -9.69 -28.85 -15.57
N LYS A 876 -8.47 -28.42 -15.29
CA LYS A 876 -7.29 -29.13 -15.74
C LYS A 876 -7.36 -30.57 -15.32
N VAL A 877 -7.82 -30.85 -14.13
CA VAL A 877 -7.90 -32.24 -13.71
C VAL A 877 -8.91 -33.03 -14.54
N LEU A 878 -10.04 -32.41 -14.86
CA LEU A 878 -11.11 -33.12 -15.56
C LEU A 878 -10.63 -33.46 -16.95
N ASP A 879 -10.15 -32.44 -17.66
CA ASP A 879 -9.50 -32.63 -18.96
C ASP A 879 -8.64 -33.89 -18.94
N TYR A 880 -7.73 -34.01 -17.98
CA TYR A 880 -6.74 -35.09 -18.00
C TYR A 880 -6.89 -36.19 -16.94
N GLN A 881 -7.92 -36.13 -16.09
CA GLN A 881 -8.27 -37.25 -15.17
C GLN A 881 -7.98 -38.58 -15.92
N GLU A 882 -8.55 -38.65 -17.11
CA GLU A 882 -8.50 -39.86 -17.91
C GLU A 882 -7.08 -40.25 -18.25
N THR A 883 -6.33 -39.27 -18.72
CA THR A 883 -4.98 -39.53 -19.17
C THR A 883 -4.12 -40.01 -18.02
N TYR A 884 -4.36 -39.50 -16.79
CA TYR A 884 -3.62 -40.00 -15.59
C TYR A 884 -3.96 -41.45 -15.33
N VAL A 885 -5.25 -41.79 -15.38
CA VAL A 885 -5.68 -43.17 -15.04
C VAL A 885 -5.29 -44.26 -16.01
N GLU A 886 -5.31 -44.00 -17.32
CA GLU A 886 -4.86 -45.02 -18.28
C GLU A 886 -3.41 -44.95 -18.57
N GLU A 887 -2.95 -43.84 -19.14
CA GLU A 887 -1.53 -43.68 -19.50
C GLU A 887 -0.59 -43.63 -18.26
N LEU A 888 -0.67 -42.55 -17.50
CA LEU A 888 0.39 -42.24 -16.54
C LEU A 888 0.39 -43.23 -15.39
N PHE A 889 -0.76 -43.45 -14.79
CA PHE A 889 -0.73 -44.28 -13.61
C PHE A 889 -0.03 -45.62 -13.87
N PRO A 890 -0.44 -46.34 -14.92
CA PRO A 890 0.16 -47.65 -15.15
C PRO A 890 1.62 -47.61 -15.50
N ILE A 891 2.03 -46.65 -16.33
CA ILE A 891 3.45 -46.53 -16.68
C ILE A 891 4.30 -46.59 -15.43
N VAL A 892 3.85 -45.83 -14.43
CA VAL A 892 4.58 -45.70 -13.18
C VAL A 892 4.39 -46.93 -12.33
N LYS A 893 3.15 -47.36 -12.23
CA LYS A 893 2.85 -48.48 -11.36
C LYS A 893 3.59 -49.72 -11.86
N LYS A 894 3.59 -49.92 -13.19
CA LYS A 894 4.02 -51.17 -13.82
C LYS A 894 5.50 -51.12 -14.16
N HIS A 895 5.98 -50.02 -14.72
CA HIS A 895 7.42 -49.89 -15.05
C HIS A 895 8.14 -48.83 -14.22
N GLY A 896 7.55 -48.39 -13.11
CA GLY A 896 8.26 -47.44 -12.28
C GLY A 896 9.38 -48.22 -11.68
N LYS A 897 10.54 -47.60 -11.55
CA LYS A 897 11.70 -48.22 -10.93
C LYS A 897 11.70 -47.97 -9.38
N THR A 898 12.25 -48.88 -8.63
CA THR A 898 12.09 -48.82 -7.19
C THR A 898 13.18 -48.09 -6.36
N ASP A 899 14.12 -47.39 -7.00
CA ASP A 899 15.18 -46.66 -6.24
C ASP A 899 14.74 -45.23 -5.98
N TYR A 900 13.58 -44.93 -6.57
CA TYR A 900 12.77 -43.73 -6.32
C TYR A 900 11.78 -43.82 -5.13
N PHE A 901 11.35 -42.64 -4.70
CA PHE A 901 10.18 -42.53 -3.87
C PHE A 901 9.02 -43.01 -4.72
N LEU A 902 8.52 -44.16 -4.35
CA LEU A 902 7.33 -44.68 -4.98
C LEU A 902 6.70 -45.51 -3.93
N PRO A 903 5.52 -45.09 -3.44
CA PRO A 903 4.86 -45.87 -2.43
C PRO A 903 4.60 -47.32 -2.84
N LYS A 904 4.91 -48.18 -1.87
CA LYS A 904 4.65 -49.60 -1.95
C LYS A 904 3.27 -49.79 -2.50
N ASN A 905 2.31 -49.09 -1.90
CA ASN A 905 0.90 -49.29 -2.16
C ASN A 905 0.26 -48.31 -3.14
N TYR A 906 1.02 -47.82 -4.10
CA TYR A 906 0.55 -46.76 -4.99
C TYR A 906 -0.66 -47.27 -5.79
N SER A 907 -1.75 -46.53 -5.76
CA SER A 907 -3.00 -47.00 -6.28
C SER A 907 -3.82 -45.87 -6.84
N LEU A 908 -4.91 -46.25 -7.49
CA LEU A 908 -5.94 -45.27 -7.83
C LEU A 908 -6.78 -45.11 -6.57
N HIS A 909 -7.31 -43.92 -6.28
CA HIS A 909 -8.08 -43.78 -5.03
C HIS A 909 -9.47 -43.35 -5.31
N GLY A 910 -9.60 -42.02 -5.30
CA GLY A 910 -10.86 -41.30 -5.16
C GLY A 910 -11.45 -40.93 -6.50
N LEU A 911 -11.60 -41.92 -7.37
CA LEU A 911 -12.26 -41.68 -8.60
C LEU A 911 -13.70 -41.34 -8.25
N ARG A 912 -14.29 -42.21 -7.43
CA ARG A 912 -15.68 -42.07 -6.95
C ARG A 912 -15.86 -40.94 -5.92
N SER A 913 -14.80 -40.64 -5.17
CA SER A 913 -14.85 -39.62 -4.10
C SER A 913 -14.81 -38.18 -4.66
N PHE A 914 -13.77 -37.87 -5.45
CA PHE A 914 -13.62 -36.63 -6.28
C PHE A 914 -14.86 -36.40 -7.16
N TYR A 915 -15.37 -37.41 -7.87
CA TYR A 915 -16.58 -37.18 -8.63
C TYR A 915 -17.79 -36.91 -7.75
N ASP A 916 -18.13 -37.83 -6.86
CA ASP A 916 -19.35 -37.64 -6.05
C ASP A 916 -19.39 -36.33 -5.22
N ALA A 917 -18.19 -35.85 -4.84
CA ALA A 917 -18.03 -34.57 -4.13
C ALA A 917 -18.08 -33.42 -5.09
N ILE A 918 -17.76 -33.67 -6.36
CA ILE A 918 -18.00 -32.70 -7.44
C ILE A 918 -19.42 -32.89 -7.97
N PHE A 919 -19.66 -34.00 -8.67
CA PHE A 919 -20.90 -34.22 -9.42
C PHE A 919 -22.12 -34.25 -8.54
N PHE A 920 -22.05 -34.97 -7.43
CA PHE A 920 -23.19 -35.07 -6.53
C PHE A 920 -23.22 -33.90 -5.56
N ASN A 921 -22.07 -33.44 -5.06
CA ASN A 921 -22.07 -32.15 -4.36
C ASN A 921 -22.83 -31.19 -5.24
N ILE A 922 -23.70 -30.43 -4.62
CA ILE A 922 -24.47 -29.52 -5.38
C ILE A 922 -23.77 -28.17 -5.34
N PRO A 923 -23.91 -27.41 -4.24
CA PRO A 923 -23.68 -25.95 -4.26
C PRO A 923 -22.41 -25.53 -4.99
N LEU A 924 -21.44 -26.44 -5.06
CA LEU A 924 -20.29 -26.33 -5.95
C LEU A 924 -20.78 -26.12 -7.41
N VAL A 925 -21.59 -27.07 -7.89
CA VAL A 925 -22.22 -27.00 -9.24
C VAL A 925 -23.09 -25.75 -9.40
N ALA A 926 -23.82 -25.41 -8.35
CA ALA A 926 -24.58 -24.19 -8.40
C ALA A 926 -23.64 -22.99 -8.39
N HIS A 927 -22.65 -22.97 -7.51
CA HIS A 927 -21.79 -21.79 -7.41
C HIS A 927 -21.13 -21.56 -8.77
N LEU A 928 -20.65 -22.64 -9.37
CA LEU A 928 -20.04 -22.59 -10.69
C LEU A 928 -20.98 -21.94 -11.67
N GLY A 929 -22.22 -22.44 -11.70
CA GLY A 929 -23.32 -21.77 -12.40
C GLY A 929 -23.28 -20.26 -12.20
N LEU A 930 -23.35 -19.83 -10.96
CA LEU A 930 -23.40 -18.41 -10.67
C LEU A 930 -22.15 -17.63 -11.09
N TYR A 931 -21.09 -18.31 -11.49
CA TYR A 931 -19.86 -17.64 -11.90
C TYR A 931 -19.80 -17.38 -13.39
N VAL A 932 -20.66 -18.02 -14.18
CA VAL A 932 -20.54 -17.87 -15.64
C VAL A 932 -20.79 -16.44 -16.00
N GLY A 933 -21.71 -15.79 -15.31
CA GLY A 933 -21.97 -14.36 -15.52
C GLY A 933 -20.84 -13.41 -15.13
N VAL A 934 -20.26 -13.62 -13.94
CA VAL A 934 -19.31 -12.68 -13.32
C VAL A 934 -18.30 -12.07 -14.30
N ASP A 935 -17.87 -10.83 -13.94
CA ASP A 935 -16.91 -9.99 -14.71
C ASP A 935 -15.61 -10.70 -15.10
N ASP A 936 -14.86 -11.17 -14.10
CA ASP A 936 -13.64 -11.99 -14.32
C ASP A 936 -13.77 -13.02 -15.47
N GLN A 937 -13.00 -12.85 -16.54
CA GLN A 937 -13.05 -13.85 -17.64
C GLN A 937 -12.49 -15.21 -17.27
N ILE A 938 -11.43 -15.21 -16.46
CA ILE A 938 -10.67 -16.43 -16.19
C ILE A 938 -11.62 -17.35 -15.38
N LEU A 939 -12.33 -16.72 -14.45
CA LEU A 939 -13.25 -17.40 -13.54
C LEU A 939 -14.46 -17.91 -14.28
N ALA A 940 -15.05 -17.03 -15.10
CA ALA A 940 -16.24 -17.35 -15.89
C ALA A 940 -15.96 -18.38 -16.96
N THR A 941 -15.00 -18.11 -17.84
CA THR A 941 -14.75 -19.00 -18.97
C THR A 941 -14.27 -20.38 -18.53
N ASN A 942 -13.77 -20.48 -17.31
CA ASN A 942 -13.37 -21.78 -16.78
C ASN A 942 -14.49 -22.49 -16.09
N SER A 943 -15.32 -21.72 -15.38
CA SER A 943 -16.47 -22.26 -14.65
C SER A 943 -17.36 -22.94 -15.67
N LEU A 944 -17.48 -22.30 -16.83
CA LEU A 944 -18.25 -22.80 -17.93
C LEU A 944 -17.70 -24.11 -18.54
N ARG A 945 -16.39 -24.13 -18.74
CA ARG A 945 -15.72 -25.34 -19.19
C ARG A 945 -15.98 -26.52 -18.22
N ILE A 946 -16.02 -26.24 -16.91
CA ILE A 946 -16.18 -27.32 -15.93
C ILE A 946 -17.56 -27.90 -16.09
N LEU A 947 -18.53 -26.98 -16.13
CA LEU A 947 -19.95 -27.31 -16.26
C LEU A 947 -20.20 -28.06 -17.54
N ALA A 948 -19.68 -27.57 -18.67
CA ALA A 948 -19.76 -28.34 -19.92
C ALA A 948 -19.24 -29.78 -19.78
N LYS A 949 -18.11 -30.04 -19.10
CA LYS A 949 -17.70 -31.45 -18.97
C LYS A 949 -18.72 -32.21 -18.20
N LEU A 950 -19.12 -31.66 -17.05
CA LEU A 950 -20.11 -32.27 -16.19
C LEU A 950 -21.41 -32.47 -16.97
N SER A 951 -21.72 -31.47 -17.80
CA SER A 951 -22.92 -31.46 -18.61
C SER A 951 -22.98 -32.70 -19.47
N GLU A 952 -21.84 -33.22 -19.92
CA GLU A 952 -21.78 -34.52 -20.58
C GLU A 952 -21.82 -35.70 -19.59
N ARG A 953 -22.76 -35.62 -18.67
CA ARG A 953 -23.56 -36.77 -18.29
C ARG A 953 -25.06 -36.40 -18.47
N SER A 954 -25.36 -35.12 -18.69
CA SER A 954 -26.69 -34.57 -19.16
C SER A 954 -27.77 -34.35 -18.08
N ASN A 955 -27.88 -35.33 -17.16
CA ASN A 955 -29.01 -35.48 -16.22
C ASN A 955 -28.64 -35.58 -14.73
N GLY A 956 -29.63 -35.37 -13.87
CA GLY A 956 -29.51 -35.48 -12.42
C GLY A 956 -29.93 -36.85 -11.94
#